data_2J3T
#
_entry.id   2J3T
#
_cell.length_a   57.602
_cell.length_b   66.336
_cell.length_c   200.808
_cell.angle_alpha   90.00
_cell.angle_beta   90.00
_cell.angle_gamma   90.00
#
_symmetry.space_group_name_H-M   'P 21 21 21'
#
loop_
_entity.id
_entity.type
_entity.pdbx_description
1 polymer 'TRAFFICKING PROTEIN PARTICLE COMPLEX SUBUNIT 3'
2 polymer 'TRAFFICKING PROTEIN PARTICLE COMPLEX SUBUNIT 6A'
3 polymer 'TRAFFICKING PROTEIN PARTICLE COMPLEX SUBUNIT 1'
4 polymer 'TRAFFICKING PROTEIN PARTICLE COMPLEX SUBUNIT 4'
5 non-polymer 'PALMITIC ACID'
6 water water
#
loop_
_entity_poly.entity_id
_entity_poly.type
_entity_poly.pdbx_seq_one_letter_code
_entity_poly.pdbx_strand_id
1 'polypeptide(L)'
;GAMSRQANRGTESKKMSSELFTLTYGALVTQLCKDYENDEDVNKQLDRMGYNIGVRLIEDFLARSNVGRCHDFRETADVI
AKVAFKMYLGITPSITNWSPAGDEFSLILENNPLVDFVELPDNHSALIYSNLLCGVLRGALEMVQMAVEAKFVQDTLKGD
GVTEIRMRFIRRIEDNLPAGEE
;
A
2 'polypeptide(L)'
;MADTVLFEFLHTEMVAELWAHDPDPGPGGQKMSLSVLEGMGFRVGQALGERLPRETLAFREELDVLKFLCKDLWVAVFQK
QMDSLRTNHQGTYVLQDNSFPLLLPMASGLQYLEEAPKFLAFTCGLLRGALYTLGIESVVTASVAALPVCKFQVVIPKS
;
B
3 'polypeptide(L)'
;MTVHNLYLFDRNGVCLHYSEWHRKKQAGIPKEEEYKLMYGMLFSIRSFVSKMSPLDMKDGFLSFQTSRYKLHYYETPTGI
KVVMNTDLGVGPIRDVLHHIYSALYVEFVVKNPLCPLGQTVQSELFRSRLDSYVRSLPFFSARAG
;
C
4 'polypeptide(L)'
;MAIFSVYVVNKAGGLIYQLDSYAPRAEAEKTFSYPLDLLLKLHDERVLVAFGQRDGIRVGHAVLAINGMDVNGRYTADGK
EVLEYLGNPANYPVSIRFGRPRLTSNEKLMLASMFHSLFAIGSQLSPEQGSSGIEMLETDTFKLHCYQTLTGIKFVVLAD
PRQAGIDSLLRKIYEIYSDFALKNPFYSLEMPIRCELFDQNLKLALEVAEKAGTFGPGS
;
D
#
# COMPACT_ATOMS: atom_id res chain seq x y z
N SER A 17 15.43 -2.60 22.07
CA SER A 17 15.81 -4.04 22.13
C SER A 17 14.57 -4.91 22.28
N SER A 18 14.47 -5.97 21.50
CA SER A 18 13.30 -6.84 21.63
C SER A 18 13.57 -8.31 21.80
N GLU A 19 13.71 -8.72 23.05
CA GLU A 19 13.90 -10.13 23.35
C GLU A 19 12.55 -10.83 23.42
N LEU A 20 11.52 -10.00 23.51
CA LEU A 20 10.14 -10.49 23.53
C LEU A 20 9.80 -11.21 22.25
N PHE A 21 9.98 -10.51 21.14
CA PHE A 21 9.73 -11.10 19.82
C PHE A 21 10.60 -12.34 19.60
N THR A 22 11.88 -12.17 19.88
CA THR A 22 12.85 -13.25 19.74
C THR A 22 12.52 -14.46 20.60
N LEU A 23 12.12 -14.22 21.84
CA LEU A 23 11.73 -15.30 22.77
C LEU A 23 10.42 -15.93 22.35
N THR A 24 9.47 -15.08 21.94
CA THR A 24 8.17 -15.54 21.46
C THR A 24 8.35 -16.40 20.22
N TYR A 25 9.18 -15.93 19.30
CA TYR A 25 9.45 -16.69 18.09
C TYR A 25 10.07 -18.04 18.45
N GLY A 26 10.94 -18.03 19.46
CA GLY A 26 11.59 -19.25 19.90
C GLY A 26 10.59 -20.26 20.44
N ALA A 27 9.54 -19.76 21.08
CA ALA A 27 8.50 -20.65 21.61
C ALA A 27 7.69 -21.25 20.47
N LEU A 28 7.41 -20.44 19.46
CA LEU A 28 6.68 -20.89 18.25
C LEU A 28 7.40 -22.04 17.59
N VAL A 29 8.67 -21.80 17.29
CA VAL A 29 9.53 -22.82 16.67
C VAL A 29 9.54 -24.11 17.50
N THR A 30 9.91 -23.96 18.78
CA THR A 30 9.93 -25.09 19.72
C THR A 30 8.64 -25.90 19.62
N GLN A 31 7.51 -25.21 19.74
CA GLN A 31 6.18 -25.82 19.63
C GLN A 31 6.02 -26.59 18.33
N LEU A 32 6.11 -25.90 17.21
CA LEU A 32 5.97 -26.55 15.91
C LEU A 32 6.83 -27.80 15.75
N CYS A 33 8.10 -27.72 16.15
CA CYS A 33 8.99 -28.89 16.03
C CYS A 33 8.47 -30.12 16.76
N LYS A 34 7.67 -29.88 17.79
CA LYS A 34 7.04 -30.98 18.53
C LYS A 34 5.79 -31.45 17.79
N ASP A 35 5.04 -30.48 17.27
CA ASP A 35 3.80 -30.75 16.51
C ASP A 35 4.04 -31.57 15.25
N TYR A 36 5.12 -31.27 14.55
CA TYR A 36 5.47 -31.99 13.32
C TYR A 36 6.65 -32.93 13.50
N GLU A 37 6.53 -34.11 12.91
CA GLU A 37 7.59 -35.12 12.99
C GLU A 37 8.76 -34.81 12.05
N ASN A 38 8.44 -34.14 10.95
CA ASN A 38 9.44 -33.76 9.94
C ASN A 38 9.70 -32.25 9.87
N ASP A 39 10.96 -31.85 9.99
CA ASP A 39 11.31 -30.42 9.95
C ASP A 39 10.92 -29.70 8.68
N GLU A 40 10.93 -30.40 7.55
CA GLU A 40 10.54 -29.77 6.27
C GLU A 40 9.19 -29.09 6.36
N ASP A 41 8.30 -29.66 7.17
CA ASP A 41 6.94 -29.11 7.37
C ASP A 41 6.93 -27.87 8.24
N VAL A 42 7.84 -27.82 9.20
CA VAL A 42 7.95 -26.65 10.06
C VAL A 42 8.37 -25.44 9.22
N ASN A 43 9.27 -25.71 8.28
CA ASN A 43 9.74 -24.66 7.36
C ASN A 43 8.58 -24.11 6.54
N LYS A 44 7.67 -25.00 6.16
CA LYS A 44 6.49 -24.61 5.37
C LYS A 44 5.50 -23.77 6.13
N GLN A 45 5.23 -24.15 7.38
CA GLN A 45 4.28 -23.37 8.19
C GLN A 45 4.84 -22.04 8.64
N LEU A 46 6.15 -21.99 8.89
CA LEU A 46 6.82 -20.73 9.30
C LEU A 46 6.82 -19.70 8.20
N ASP A 47 6.99 -20.18 6.97
CA ASP A 47 7.00 -19.33 5.79
C ASP A 47 5.61 -18.81 5.49
N ARG A 48 4.61 -19.66 5.72
CA ARG A 48 3.23 -19.28 5.50
C ARG A 48 2.78 -18.27 6.53
N MET A 49 3.12 -18.53 7.79
CA MET A 49 2.79 -17.59 8.87
C MET A 49 3.46 -16.26 8.60
N GLY A 50 4.70 -16.32 8.11
CA GLY A 50 5.42 -15.11 7.78
C GLY A 50 4.64 -14.37 6.72
N TYR A 51 4.25 -15.09 5.67
CA TYR A 51 3.46 -14.49 4.58
C TYR A 51 2.22 -13.76 5.07
N ASN A 52 1.51 -14.37 6.02
CA ASN A 52 0.31 -13.75 6.58
C ASN A 52 0.64 -12.47 7.34
N ILE A 53 1.85 -12.42 7.90
CA ILE A 53 2.32 -11.22 8.60
C ILE A 53 2.74 -10.17 7.60
N GLY A 54 3.45 -10.63 6.57
CA GLY A 54 3.95 -9.74 5.54
C GLY A 54 2.88 -8.97 4.78
N VAL A 55 1.79 -9.62 4.42
CA VAL A 55 0.74 -8.91 3.67
C VAL A 55 0.03 -7.84 4.49
N ARG A 56 0.23 -7.92 5.80
CA ARG A 56 -0.35 -6.94 6.75
C ARG A 56 0.66 -5.88 7.10
N LEU A 57 1.86 -6.35 7.42
CA LEU A 57 2.99 -5.49 7.79
C LEU A 57 3.36 -4.47 6.73
N ILE A 58 3.20 -4.83 5.45
CA ILE A 58 3.54 -3.88 4.38
C ILE A 58 2.78 -2.56 4.54
N GLU A 59 1.52 -2.67 4.97
CA GLU A 59 0.71 -1.48 5.21
C GLU A 59 1.28 -0.63 6.34
N ASP A 60 1.63 -1.27 7.46
CA ASP A 60 2.22 -0.52 8.59
C ASP A 60 3.48 0.21 8.13
N PHE A 61 4.31 -0.51 7.37
CA PHE A 61 5.55 0.06 6.84
C PHE A 61 5.36 1.30 5.98
N LEU A 62 4.50 1.17 4.95
CA LEU A 62 4.23 2.29 4.05
C LEU A 62 3.65 3.52 4.74
N ALA A 63 2.77 3.29 5.70
CA ALA A 63 2.16 4.41 6.44
C ALA A 63 3.14 5.12 7.37
N ARG A 64 4.23 4.45 7.71
CA ARG A 64 5.23 5.04 8.63
C ARG A 64 6.44 5.67 7.97
N SER A 65 6.82 5.14 6.81
CA SER A 65 8.00 5.62 6.09
C SER A 65 7.72 6.52 4.91
N ASN A 66 6.53 6.38 4.35
CA ASN A 66 6.12 7.18 3.19
C ASN A 66 6.90 6.95 1.91
N VAL A 67 7.35 5.71 1.72
CA VAL A 67 8.06 5.39 0.48
C VAL A 67 7.05 5.04 -0.61
N GLY A 68 7.36 5.38 -1.85
CA GLY A 68 6.43 5.09 -2.93
C GLY A 68 6.69 3.76 -3.61
N ARG A 69 5.89 3.46 -4.62
CA ARG A 69 6.05 2.20 -5.37
C ARG A 69 7.44 2.11 -5.96
N CYS A 70 8.00 0.92 -6.09
CA CYS A 70 9.31 0.87 -6.71
C CYS A 70 9.21 0.46 -8.16
N HIS A 71 10.31 0.60 -8.89
CA HIS A 71 10.35 0.28 -10.33
C HIS A 71 11.71 -0.23 -10.73
N ASP A 72 12.47 -0.65 -9.72
CA ASP A 72 13.83 -1.16 -9.91
C ASP A 72 14.24 -2.06 -8.75
N PHE A 73 14.63 -3.30 -9.03
CA PHE A 73 15.04 -4.20 -7.94
C PHE A 73 16.17 -3.66 -7.07
N ARG A 74 16.88 -2.64 -7.56
CA ARG A 74 17.97 -2.05 -6.77
C ARG A 74 17.46 -1.08 -5.72
N GLU A 75 16.49 -0.23 -6.08
CA GLU A 75 15.90 0.68 -5.10
C GLU A 75 15.09 -0.10 -4.07
N THR A 76 14.51 -1.21 -4.53
CA THR A 76 13.72 -2.10 -3.67
C THR A 76 14.61 -2.73 -2.60
N ALA A 77 15.82 -3.08 -3.00
CA ALA A 77 16.81 -3.68 -2.10
C ALA A 77 17.28 -2.67 -1.05
N ASP A 78 17.44 -1.42 -1.45
CA ASP A 78 17.84 -0.36 -0.52
C ASP A 78 16.78 -0.11 0.54
N VAL A 79 15.55 0.04 0.10
CA VAL A 79 14.43 0.24 1.03
C VAL A 79 14.38 -0.89 2.05
N ILE A 80 14.44 -2.12 1.54
CA ILE A 80 14.41 -3.33 2.39
C ILE A 80 15.51 -3.33 3.44
N ALA A 81 16.76 -3.21 2.98
CA ALA A 81 17.91 -3.22 3.89
C ALA A 81 18.06 -2.00 4.77
N LYS A 82 18.05 -0.82 4.17
CA LYS A 82 18.26 0.42 4.94
C LYS A 82 17.06 1.02 5.68
N VAL A 83 15.84 0.79 5.22
CA VAL A 83 14.64 1.35 5.90
C VAL A 83 13.80 0.34 6.68
N ALA A 84 13.33 -0.69 6.00
CA ALA A 84 12.50 -1.73 6.65
C ALA A 84 13.22 -2.53 7.75
N PHE A 85 14.34 -3.17 7.42
CA PHE A 85 15.08 -3.94 8.44
C PHE A 85 15.47 -3.10 9.64
N LYS A 86 15.82 -1.85 9.38
CA LYS A 86 16.19 -0.91 10.45
C LYS A 86 15.01 -0.63 11.37
N MET A 87 13.87 -0.32 10.77
CA MET A 87 12.62 -0.01 11.52
C MET A 87 12.08 -1.17 12.39
N TYR A 88 12.05 -2.39 11.85
CA TYR A 88 11.51 -3.52 12.62
C TYR A 88 12.52 -4.36 13.38
N LEU A 89 13.78 -4.32 12.99
CA LEU A 89 14.81 -5.12 13.69
C LEU A 89 15.99 -4.32 14.20
N GLY A 90 15.97 -3.01 14.01
CA GLY A 90 17.05 -2.17 14.47
C GLY A 90 18.40 -2.52 13.87
N ILE A 91 18.37 -3.00 12.63
CA ILE A 91 19.61 -3.37 11.90
C ILE A 91 19.58 -3.01 10.43
N THR A 92 20.76 -2.84 9.84
CA THR A 92 20.86 -2.51 8.40
C THR A 92 21.72 -3.52 7.63
N PRO A 93 21.09 -4.58 7.10
CA PRO A 93 21.78 -5.62 6.34
C PRO A 93 22.57 -5.06 5.16
N SER A 94 23.54 -5.83 4.70
CA SER A 94 24.34 -5.42 3.54
C SER A 94 23.80 -6.02 2.24
N ILE A 95 23.80 -5.22 1.19
CA ILE A 95 23.33 -5.70 -0.12
C ILE A 95 24.49 -6.16 -0.99
N THR A 96 24.51 -7.43 -1.39
CA THR A 96 25.63 -7.95 -2.22
C THR A 96 25.24 -8.97 -3.27
N ASN A 97 26.22 -9.40 -4.05
CA ASN A 97 26.04 -10.43 -5.10
C ASN A 97 24.95 -10.15 -6.13
N TRP A 98 24.99 -8.99 -6.78
CA TRP A 98 23.98 -8.71 -7.81
C TRP A 98 24.17 -9.55 -9.05
N SER A 99 23.14 -10.28 -9.46
CA SER A 99 23.25 -11.06 -10.70
C SER A 99 23.39 -10.11 -11.88
N PRO A 100 24.12 -10.50 -12.93
CA PRO A 100 24.27 -9.61 -14.09
C PRO A 100 22.94 -9.01 -14.57
N ALA A 101 21.90 -9.84 -14.59
CA ALA A 101 20.57 -9.36 -15.03
C ALA A 101 19.95 -8.34 -14.07
N GLY A 102 20.48 -8.27 -12.85
CA GLY A 102 19.97 -7.33 -11.86
C GLY A 102 18.69 -7.77 -11.18
N ASP A 103 18.25 -9.00 -11.48
CA ASP A 103 17.03 -9.57 -10.90
C ASP A 103 17.29 -10.45 -9.68
N GLU A 104 18.50 -10.34 -9.15
CA GLU A 104 18.93 -11.14 -8.02
C GLU A 104 19.95 -10.45 -7.14
N PHE A 105 19.73 -10.50 -5.84
CA PHE A 105 20.69 -9.91 -4.88
C PHE A 105 20.61 -10.62 -3.53
N SER A 106 21.56 -10.34 -2.67
CA SER A 106 21.56 -10.97 -1.36
C SER A 106 21.56 -10.03 -0.19
N LEU A 107 20.92 -10.45 0.88
CA LEU A 107 20.89 -9.69 2.12
C LEU A 107 21.88 -10.32 3.10
N ILE A 108 22.95 -9.59 3.41
CA ILE A 108 23.95 -10.11 4.33
C ILE A 108 23.83 -9.54 5.74
N LEU A 109 23.50 -10.39 6.71
CA LEU A 109 23.37 -9.94 8.11
C LEU A 109 24.49 -10.45 9.00
N GLU A 110 25.02 -9.56 9.84
CA GLU A 110 26.12 -9.96 10.75
C GLU A 110 25.81 -11.20 11.57
N ASN A 111 24.55 -11.29 12.00
CA ASN A 111 24.06 -12.43 12.79
C ASN A 111 22.69 -12.88 12.34
N ASN A 112 21.93 -13.50 13.23
CA ASN A 112 20.56 -13.92 12.90
C ASN A 112 19.55 -13.27 13.84
N PRO A 113 18.85 -12.25 13.33
CA PRO A 113 17.82 -11.45 14.02
C PRO A 113 16.76 -12.18 14.83
N LEU A 114 16.10 -13.17 14.23
CA LEU A 114 15.04 -13.91 14.96
C LEU A 114 15.54 -14.81 16.09
N VAL A 115 16.86 -14.96 16.17
CA VAL A 115 17.45 -15.83 17.19
C VAL A 115 17.88 -15.15 18.48
N ASP A 116 17.63 -15.87 19.56
CA ASP A 116 18.01 -15.47 20.91
C ASP A 116 19.21 -16.31 21.32
N PHE A 117 18.90 -17.40 22.00
CA PHE A 117 19.88 -18.39 22.43
C PHE A 117 19.31 -19.76 22.15
N VAL A 118 20.10 -20.64 21.55
CA VAL A 118 19.57 -21.98 21.26
C VAL A 118 20.46 -23.10 21.72
N GLU A 119 19.88 -24.29 21.80
CA GLU A 119 20.64 -25.48 22.19
C GLU A 119 21.34 -26.05 20.96
N LEU A 120 22.51 -26.66 21.15
CA LEU A 120 23.26 -27.17 19.98
C LEU A 120 23.44 -28.68 19.88
N PRO A 121 22.94 -29.29 18.79
CA PRO A 121 22.23 -28.61 17.71
C PRO A 121 21.03 -29.43 17.22
N HIS A 124 22.69 -32.52 12.23
CA HIS A 124 22.02 -32.43 10.91
C HIS A 124 20.52 -32.14 10.99
N SER A 125 20.13 -30.93 10.61
CA SER A 125 18.72 -30.54 10.64
C SER A 125 18.24 -29.82 9.38
N ALA A 126 17.11 -30.26 8.86
CA ALA A 126 16.54 -29.65 7.65
C ALA A 126 15.82 -28.33 7.95
N LEU A 127 15.60 -28.11 9.22
CA LEU A 127 14.90 -26.91 9.70
C LEU A 127 15.59 -25.58 9.43
N ILE A 128 14.84 -24.66 8.82
CA ILE A 128 15.37 -23.30 8.58
C ILE A 128 14.85 -22.40 9.70
N TYR A 129 15.55 -22.39 10.82
CA TYR A 129 15.13 -21.63 12.01
C TYR A 129 14.36 -20.33 11.74
N SER A 130 14.98 -19.41 11.03
CA SER A 130 14.34 -18.13 10.76
C SER A 130 13.54 -18.07 9.45
N ASN A 131 13.02 -19.21 9.00
CA ASN A 131 12.26 -19.26 7.75
C ASN A 131 11.04 -18.35 7.73
N LEU A 132 10.62 -17.86 8.89
CA LEU A 132 9.48 -16.93 8.96
C LEU A 132 9.76 -15.67 8.17
N LEU A 133 10.98 -15.17 8.34
CA LEU A 133 11.44 -13.98 7.62
C LEU A 133 11.10 -14.03 6.14
N CYS A 134 11.49 -15.11 5.48
CA CYS A 134 11.22 -15.29 4.05
C CYS A 134 9.77 -15.06 3.66
N GLY A 135 8.85 -15.60 4.47
CA GLY A 135 7.44 -15.41 4.19
C GLY A 135 7.08 -13.94 4.31
N VAL A 136 7.66 -13.26 5.28
CA VAL A 136 7.39 -11.84 5.46
C VAL A 136 7.82 -11.02 4.25
N LEU A 137 9.05 -11.28 3.79
CA LEU A 137 9.58 -10.59 2.63
C LEU A 137 8.74 -10.83 1.37
N ARG A 138 8.43 -12.09 1.09
CA ARG A 138 7.61 -12.39 -0.10
C ARG A 138 6.17 -11.88 0.03
N GLY A 139 5.62 -11.96 1.24
CA GLY A 139 4.26 -11.48 1.44
C GLY A 139 4.20 -9.98 1.27
N ALA A 140 5.10 -9.27 1.95
CA ALA A 140 5.13 -7.81 1.83
C ALA A 140 5.34 -7.33 0.40
N LEU A 141 6.38 -7.82 -0.26
CA LEU A 141 6.65 -7.41 -1.64
C LEU A 141 5.52 -7.71 -2.63
N GLU A 142 4.81 -8.82 -2.41
CA GLU A 142 3.69 -9.17 -3.27
C GLU A 142 2.60 -8.13 -3.26
N MET A 143 2.41 -7.52 -2.08
CA MET A 143 1.40 -6.46 -1.92
C MET A 143 1.77 -5.18 -2.65
N VAL A 144 3.00 -5.10 -3.11
CA VAL A 144 3.44 -3.94 -3.89
C VAL A 144 3.79 -4.29 -5.33
N GLN A 145 3.07 -5.29 -5.86
CA GLN A 145 3.23 -5.76 -7.26
C GLN A 145 4.55 -6.43 -7.66
N MET A 146 5.19 -7.08 -6.71
CA MET A 146 6.44 -7.78 -7.00
C MET A 146 6.47 -9.20 -6.49
N ALA A 147 6.60 -10.14 -7.42
CA ALA A 147 6.68 -11.56 -7.06
C ALA A 147 8.14 -11.96 -6.88
N VAL A 148 8.53 -12.18 -5.63
CA VAL A 148 9.91 -12.52 -5.34
C VAL A 148 10.03 -13.75 -4.49
N GLU A 149 11.16 -14.41 -4.63
CA GLU A 149 11.46 -15.58 -3.82
C GLU A 149 12.53 -15.23 -2.80
N ALA A 150 12.20 -15.38 -1.52
CA ALA A 150 13.19 -15.12 -0.49
C ALA A 150 13.71 -16.45 0.02
N LYS A 151 15.02 -16.64 0.02
CA LYS A 151 15.52 -17.93 0.46
C LYS A 151 16.83 -17.87 1.23
N PHE A 152 16.89 -18.62 2.32
CA PHE A 152 18.14 -18.68 3.15
C PHE A 152 19.22 -19.53 2.49
N VAL A 153 20.35 -18.91 2.17
CA VAL A 153 21.46 -19.64 1.55
C VAL A 153 22.71 -19.72 2.45
N GLN A 154 22.65 -19.00 3.56
CA GLN A 154 23.73 -18.97 4.58
C GLN A 154 23.18 -18.61 5.94
N ASP A 155 23.46 -19.46 6.93
CA ASP A 155 22.95 -19.24 8.28
C ASP A 155 23.98 -19.37 9.40
N THR A 156 24.20 -18.30 10.16
CA THR A 156 25.17 -18.35 11.27
C THR A 156 24.85 -19.46 12.26
N LEU A 157 23.60 -19.90 12.25
CA LEU A 157 23.17 -20.99 13.13
C LEU A 157 23.64 -22.34 12.66
N LYS A 158 24.25 -22.36 11.48
CA LYS A 158 24.73 -23.63 10.90
C LYS A 158 26.21 -23.67 10.51
N GLY A 159 27.02 -22.83 11.15
CA GLY A 159 28.45 -22.83 10.86
C GLY A 159 28.93 -21.72 9.94
N ASP A 160 28.03 -21.20 9.12
CA ASP A 160 28.37 -20.13 8.18
C ASP A 160 28.88 -18.88 8.87
N GLY A 161 29.75 -18.15 8.19
CA GLY A 161 30.31 -16.94 8.75
C GLY A 161 29.20 -15.93 9.02
N VAL A 162 28.37 -15.71 8.03
CA VAL A 162 27.26 -14.77 8.16
C VAL A 162 25.93 -15.37 7.78
N THR A 163 24.88 -14.59 7.96
CA THR A 163 23.54 -15.02 7.54
C THR A 163 23.22 -14.33 6.23
N GLU A 164 22.91 -15.12 5.21
CA GLU A 164 22.61 -14.56 3.88
C GLU A 164 21.27 -14.95 3.31
N ILE A 165 20.48 -13.94 2.96
CA ILE A 165 19.19 -14.19 2.33
C ILE A 165 19.23 -13.82 0.86
N ARG A 166 18.97 -14.78 -0.01
CA ARG A 166 18.95 -14.49 -1.45
C ARG A 166 17.60 -13.96 -1.89
N MET A 167 17.60 -12.83 -2.58
CA MET A 167 16.35 -12.23 -3.07
C MET A 167 16.20 -12.30 -4.58
N ARG A 168 15.25 -13.08 -5.06
CA ARG A 168 15.10 -13.20 -6.50
C ARG A 168 13.77 -12.69 -7.07
N PHE A 169 13.88 -11.72 -7.97
CA PHE A 169 12.71 -11.13 -8.62
C PHE A 169 12.16 -12.03 -9.71
N ILE A 170 10.92 -12.48 -9.54
CA ILE A 170 10.29 -13.38 -10.51
C ILE A 170 9.50 -12.67 -11.60
N ARG A 171 8.75 -11.64 -11.22
CA ARG A 171 7.93 -10.87 -12.15
C ARG A 171 7.17 -9.76 -11.48
N ARG A 172 6.76 -8.75 -12.26
CA ARG A 172 5.96 -7.68 -11.71
C ARG A 172 4.49 -7.96 -11.89
N ILE A 173 3.72 -7.94 -10.81
CA ILE A 173 2.28 -8.21 -10.92
C ILE A 173 1.54 -7.04 -11.56
N GLU A 174 0.60 -7.35 -12.44
CA GLU A 174 -0.19 -6.29 -13.13
C GLU A 174 -1.47 -5.87 -12.44
N ASP A 175 -1.83 -4.60 -12.62
CA ASP A 175 -3.06 -4.04 -12.02
C ASP A 175 -4.34 -4.67 -12.56
N ASN A 176 -5.23 -5.06 -11.67
CA ASN A 176 -6.50 -5.69 -12.08
C ASN A 176 -7.57 -4.72 -12.56
N LEU A 177 -8.10 -3.96 -11.72
N ALA B 2 13.52 -5.56 18.09
CA ALA B 2 12.34 -5.72 17.20
C ALA B 2 11.16 -4.82 17.57
N ASP B 3 10.77 -3.95 16.64
CA ASP B 3 9.64 -3.03 16.83
C ASP B 3 8.41 -3.71 17.45
N THR B 4 7.53 -2.91 18.04
CA THR B 4 6.32 -3.46 18.67
C THR B 4 5.38 -4.25 17.76
N VAL B 5 5.10 -3.73 16.57
CA VAL B 5 4.19 -4.42 15.63
C VAL B 5 4.63 -5.82 15.25
N LEU B 6 5.93 -6.08 15.20
CA LEU B 6 6.41 -7.43 14.88
C LEU B 6 5.87 -8.48 15.84
N PHE B 7 5.91 -8.17 17.13
CA PHE B 7 5.38 -9.10 18.15
C PHE B 7 3.87 -9.23 18.03
N GLU B 8 3.24 -8.08 17.84
CA GLU B 8 1.79 -7.98 17.69
C GLU B 8 1.27 -8.87 16.56
N PHE B 9 1.88 -8.69 15.38
CA PHE B 9 1.51 -9.50 14.21
C PHE B 9 1.88 -10.97 14.38
N LEU B 10 3.06 -11.21 14.94
CA LEU B 10 3.50 -12.59 15.18
C LEU B 10 2.51 -13.28 16.10
N HIS B 11 2.24 -12.64 17.23
CA HIS B 11 1.27 -13.17 18.18
C HIS B 11 -0.04 -13.52 17.49
N THR B 12 -0.53 -12.61 16.65
CA THR B 12 -1.77 -12.83 15.89
C THR B 12 -1.73 -14.09 15.05
N GLU B 13 -0.62 -14.33 14.35
CA GLU B 13 -0.53 -15.55 13.57
C GLU B 13 -0.43 -16.77 14.48
N MET B 14 0.10 -16.56 15.68
CA MET B 14 0.22 -17.66 16.65
C MET B 14 -1.11 -18.11 17.20
N VAL B 15 -2.00 -17.17 17.52
CA VAL B 15 -3.31 -17.59 18.00
C VAL B 15 -4.13 -18.16 16.86
N ALA B 16 -4.02 -17.55 15.69
CA ALA B 16 -4.77 -18.02 14.51
C ALA B 16 -4.52 -19.47 14.17
N GLU B 17 -3.24 -19.82 14.22
CA GLU B 17 -2.78 -21.16 13.88
C GLU B 17 -2.85 -22.23 14.98
N LEU B 18 -2.77 -21.82 16.25
CA LEU B 18 -2.73 -22.79 17.35
C LEU B 18 -3.75 -22.63 18.47
N TRP B 19 -4.75 -21.77 18.33
CA TRP B 19 -5.73 -21.60 19.40
C TRP B 19 -6.57 -22.85 19.71
N ALA B 20 -6.73 -23.72 18.72
CA ALA B 20 -7.54 -24.96 18.87
C ALA B 20 -6.70 -26.23 18.99
N HIS B 21 -5.38 -26.07 18.90
CA HIS B 21 -4.45 -27.19 18.97
C HIS B 21 -4.18 -27.69 20.39
N ASP B 22 -4.33 -29.00 20.60
CA ASP B 22 -4.05 -29.65 21.91
C ASP B 22 -3.71 -31.13 21.77
N PRO B 23 -2.41 -31.44 21.64
CA PRO B 23 -1.91 -32.81 21.49
C PRO B 23 -2.04 -33.69 22.75
N ASP B 24 -2.18 -33.03 23.90
CA ASP B 24 -2.32 -33.73 25.19
C ASP B 24 -3.68 -33.45 25.85
N PRO B 25 -4.79 -33.82 25.18
CA PRO B 25 -6.16 -33.61 25.66
C PRO B 25 -6.48 -34.01 27.11
N GLY B 26 -6.88 -35.26 27.29
CA GLY B 26 -7.24 -35.74 28.62
C GLY B 26 -8.45 -36.66 28.58
N PRO B 27 -9.06 -36.96 29.74
CA PRO B 27 -10.23 -37.85 29.79
C PRO B 27 -11.26 -37.60 28.69
N GLY B 28 -11.52 -38.62 27.88
CA GLY B 28 -12.49 -38.52 26.81
C GLY B 28 -12.09 -37.65 25.63
N GLY B 29 -10.81 -37.37 25.52
CA GLY B 29 -10.32 -36.54 24.43
C GLY B 29 -10.71 -35.09 24.58
N GLN B 30 -10.84 -34.60 25.82
CA GLN B 30 -11.21 -33.19 26.00
C GLN B 30 -10.05 -32.23 26.07
N LYS B 31 -9.99 -31.35 25.07
CA LYS B 31 -8.93 -30.35 24.95
C LYS B 31 -9.06 -29.15 25.87
N MET B 32 -7.95 -28.78 26.52
CA MET B 32 -7.91 -27.62 27.43
C MET B 32 -7.84 -26.32 26.62
N SER B 33 -8.91 -25.56 26.64
CA SER B 33 -8.98 -24.29 25.87
C SER B 33 -7.72 -23.44 25.86
N LEU B 34 -7.16 -23.26 24.66
CA LEU B 34 -5.97 -22.42 24.49
C LEU B 34 -4.72 -22.87 25.26
N SER B 35 -4.74 -24.10 25.73
CA SER B 35 -3.62 -24.68 26.47
C SER B 35 -2.25 -24.45 25.82
N VAL B 36 -2.16 -24.67 24.51
CA VAL B 36 -0.87 -24.46 23.80
C VAL B 36 -0.39 -23.02 23.83
N LEU B 37 -1.28 -22.08 23.52
CA LEU B 37 -0.91 -20.65 23.56
C LEU B 37 -0.40 -20.26 24.93
N GLU B 38 -1.16 -20.66 25.95
CA GLU B 38 -0.77 -20.37 27.34
C GLU B 38 0.57 -21.02 27.67
N GLY B 39 0.79 -22.20 27.09
CA GLY B 39 2.03 -22.92 27.29
C GLY B 39 3.21 -22.11 26.79
N MET B 40 3.07 -21.55 25.59
CA MET B 40 4.14 -20.72 25.01
C MET B 40 4.34 -19.42 25.77
N GLY B 41 3.25 -18.83 26.23
CA GLY B 41 3.36 -17.61 27.00
C GLY B 41 4.17 -17.90 28.25
N PHE B 42 3.87 -19.04 28.86
CA PHE B 42 4.57 -19.49 30.09
C PHE B 42 6.08 -19.58 29.90
N ARG B 43 6.51 -20.29 28.86
CA ARG B 43 7.95 -20.39 28.59
C ARG B 43 8.55 -19.01 28.33
N VAL B 44 7.88 -18.21 27.54
CA VAL B 44 8.39 -16.84 27.29
C VAL B 44 8.45 -16.03 28.58
N GLY B 45 7.37 -16.13 29.37
CA GLY B 45 7.30 -15.42 30.63
C GLY B 45 8.36 -15.93 31.59
N GLN B 46 8.64 -17.22 31.51
CA GLN B 46 9.66 -17.82 32.37
C GLN B 46 11.03 -17.19 32.15
N ALA B 47 11.33 -16.84 30.90
CA ALA B 47 12.61 -16.22 30.58
C ALA B 47 12.64 -14.74 30.96
N LEU B 48 11.51 -14.06 30.74
CA LEU B 48 11.43 -12.64 31.12
C LEU B 48 11.61 -12.45 32.62
N GLY B 49 11.16 -13.45 33.37
CA GLY B 49 11.28 -13.44 34.81
C GLY B 49 12.74 -13.44 35.23
N GLU B 50 13.59 -14.08 34.44
CA GLU B 50 15.02 -14.15 34.74
C GLU B 50 15.79 -12.94 34.28
N ARG B 51 15.39 -12.39 33.13
CA ARG B 51 16.09 -11.25 32.50
C ARG B 51 15.67 -9.82 32.88
N LEU B 52 14.63 -9.67 33.67
CA LEU B 52 14.23 -8.31 34.07
C LEU B 52 14.73 -7.95 35.46
N PRO B 53 14.94 -6.65 35.72
CA PRO B 53 15.43 -6.15 37.01
C PRO B 53 14.49 -6.43 38.18
N PHE B 59 13.32 -9.31 45.96
CA PHE B 59 12.07 -8.92 46.61
C PHE B 59 11.84 -9.61 47.94
N ARG B 60 11.12 -8.94 48.84
CA ARG B 60 10.83 -9.50 50.17
C ARG B 60 9.61 -10.43 50.19
N GLU B 61 8.42 -9.83 50.12
CA GLU B 61 7.16 -10.62 50.15
C GLU B 61 6.47 -10.82 48.81
N GLU B 62 5.50 -11.73 48.81
CA GLU B 62 4.71 -12.02 47.61
C GLU B 62 4.31 -10.76 46.87
N LEU B 63 3.75 -9.82 47.62
CA LEU B 63 3.32 -8.56 47.03
C LEU B 63 4.36 -7.98 46.09
N ASP B 64 5.61 -7.90 46.56
CA ASP B 64 6.70 -7.37 45.73
C ASP B 64 6.81 -8.07 44.38
N VAL B 65 6.58 -9.37 44.39
CA VAL B 65 6.62 -10.15 43.14
C VAL B 65 5.55 -9.70 42.17
N LEU B 66 4.37 -9.40 42.69
CA LEU B 66 3.27 -8.94 41.84
C LEU B 66 3.34 -7.48 41.47
N LYS B 67 4.03 -6.68 42.29
CA LYS B 67 4.21 -5.27 41.94
C LYS B 67 5.12 -5.19 40.74
N PHE B 68 6.04 -6.15 40.71
CA PHE B 68 7.03 -6.30 39.64
C PHE B 68 6.38 -6.58 38.27
N LEU B 69 5.41 -7.48 38.27
CA LEU B 69 4.69 -7.82 37.02
C LEU B 69 3.94 -6.62 36.44
N CYS B 70 3.39 -5.81 37.35
CA CYS B 70 2.62 -4.62 36.96
C CYS B 70 3.47 -3.44 36.54
N LYS B 71 4.69 -3.36 37.07
CA LYS B 71 5.60 -2.25 36.76
C LYS B 71 6.69 -2.58 35.75
N ASP B 72 7.38 -3.69 35.94
CA ASP B 72 8.47 -4.07 35.01
C ASP B 72 8.01 -4.91 33.83
N LEU B 73 7.39 -6.05 34.14
CA LEU B 73 6.92 -6.94 33.06
C LEU B 73 5.99 -6.25 32.07
N TRP B 74 4.95 -5.59 32.58
CA TRP B 74 4.00 -4.90 31.69
C TRP B 74 4.64 -3.79 30.87
N VAL B 75 5.52 -3.03 31.50
CA VAL B 75 6.19 -1.96 30.78
C VAL B 75 7.14 -2.52 29.72
N ALA B 76 7.72 -3.68 30.03
CA ALA B 76 8.64 -4.32 29.07
C ALA B 76 7.91 -4.98 27.91
N VAL B 77 6.76 -5.59 28.19
CA VAL B 77 5.98 -6.25 27.14
C VAL B 77 4.97 -5.35 26.42
N PHE B 78 4.27 -4.52 27.18
CA PHE B 78 3.24 -3.63 26.58
C PHE B 78 3.54 -2.15 26.72
N GLN B 79 4.79 -1.84 27.01
CA GLN B 79 5.20 -0.43 27.16
C GLN B 79 4.26 0.40 28.03
N LYS B 80 3.66 -0.24 29.03
CA LYS B 80 2.73 0.42 29.97
C LYS B 80 2.51 -0.35 31.25
N GLN B 81 2.49 0.34 32.38
CA GLN B 81 2.25 -0.34 33.66
C GLN B 81 0.80 -0.76 33.79
N MET B 82 0.56 -1.76 34.62
CA MET B 82 -0.80 -2.23 34.85
C MET B 82 -1.65 -1.08 35.41
N ASP B 83 -2.87 -0.92 34.91
CA ASP B 83 -3.73 0.17 35.40
C ASP B 83 -4.08 0.06 36.87
N SER B 84 -4.42 -1.16 37.30
CA SER B 84 -4.79 -1.40 38.71
C SER B 84 -4.43 -2.78 39.24
N LEU B 85 -4.07 -2.83 40.52
CA LEU B 85 -3.72 -4.11 41.19
C LEU B 85 -4.56 -4.35 42.43
N ARG B 86 -5.38 -5.39 42.40
CA ARG B 86 -6.23 -5.73 43.57
C ARG B 86 -5.98 -7.13 44.12
N THR B 87 -6.44 -7.39 45.33
CA THR B 87 -6.22 -8.72 45.93
C THR B 87 -6.93 -9.02 47.23
N ASN B 88 -7.51 -10.22 47.32
CA ASN B 88 -8.06 -10.63 48.61
C ASN B 88 -6.87 -11.25 49.32
N HIS B 89 -6.57 -10.83 50.54
CA HIS B 89 -5.40 -11.40 51.20
C HIS B 89 -5.47 -12.91 51.44
N GLN B 90 -5.60 -13.63 50.33
CA GLN B 90 -5.68 -15.10 50.30
C GLN B 90 -4.93 -15.68 49.11
N GLY B 91 -4.01 -14.91 48.54
CA GLY B 91 -3.24 -15.40 47.41
C GLY B 91 -3.84 -15.21 46.02
N THR B 92 -5.08 -14.73 45.96
CA THR B 92 -5.74 -14.48 44.66
C THR B 92 -5.70 -13.02 44.26
N TYR B 93 -4.96 -12.72 43.19
CA TYR B 93 -4.80 -11.32 42.71
C TYR B 93 -5.55 -10.98 41.43
N VAL B 94 -5.85 -9.69 41.27
CA VAL B 94 -6.54 -9.20 40.09
C VAL B 94 -5.83 -8.04 39.39
N LEU B 95 -5.17 -8.38 38.29
CA LEU B 95 -4.44 -7.38 37.47
C LEU B 95 -5.29 -6.90 36.32
N GLN B 96 -5.63 -5.61 36.32
CA GLN B 96 -6.47 -5.09 35.24
C GLN B 96 -5.85 -4.01 34.36
N ASP B 97 -6.12 -4.14 33.06
CA ASP B 97 -5.66 -3.20 32.04
C ASP B 97 -6.87 -2.66 31.27
N ASN B 98 -7.18 -1.38 31.44
CA ASN B 98 -8.33 -0.77 30.76
C ASN B 98 -8.14 -0.50 29.28
N SER B 99 -6.91 -0.71 28.82
CA SER B 99 -6.57 -0.51 27.40
C SER B 99 -5.52 -1.50 26.93
N PHE B 100 -5.84 -2.78 27.07
CA PHE B 100 -4.93 -3.86 26.68
C PHE B 100 -4.57 -3.84 25.19
N PRO B 101 -3.29 -3.54 24.89
CA PRO B 101 -2.71 -3.44 23.54
C PRO B 101 -3.20 -4.43 22.48
N LEU B 102 -3.22 -5.72 22.79
CA LEU B 102 -3.69 -6.72 21.81
C LEU B 102 -5.17 -6.62 21.48
N LEU B 103 -5.92 -5.88 22.28
CA LEU B 103 -7.36 -5.73 22.03
C LEU B 103 -7.76 -4.33 21.55
N LEU B 104 -6.83 -3.39 21.65
CA LEU B 104 -7.08 -2.00 21.22
C LEU B 104 -7.61 -1.81 19.79
N PRO B 105 -6.94 -2.41 18.79
CA PRO B 105 -7.34 -2.31 17.38
C PRO B 105 -8.70 -2.93 17.10
N MET B 106 -9.07 -3.93 17.90
CA MET B 106 -10.32 -4.64 17.71
C MET B 106 -11.59 -3.87 17.95
N ALA B 107 -11.83 -3.43 19.18
CA ALA B 107 -13.06 -2.70 19.44
C ALA B 107 -13.14 -1.98 20.76
N SER B 108 -14.18 -1.14 20.82
CA SER B 108 -14.52 -0.37 22.02
C SER B 108 -15.98 -0.67 22.36
N GLY B 109 -16.24 -1.91 22.73
CA GLY B 109 -17.60 -2.34 23.04
C GLY B 109 -17.67 -3.86 22.98
N LEU B 110 -18.66 -4.41 22.30
CA LEU B 110 -18.80 -5.88 22.24
C LEU B 110 -18.54 -6.54 20.89
N GLN B 111 -18.37 -5.75 19.83
CA GLN B 111 -18.18 -6.33 18.49
C GLN B 111 -17.36 -7.60 18.33
N TYR B 112 -16.31 -7.81 19.11
CA TYR B 112 -15.54 -9.05 18.91
C TYR B 112 -15.30 -9.93 20.15
N LEU B 113 -16.17 -9.82 21.15
CA LEU B 113 -16.02 -10.63 22.39
C LEU B 113 -15.84 -12.12 22.14
N GLU B 114 -16.62 -12.67 21.21
CA GLU B 114 -16.54 -14.10 20.88
C GLU B 114 -15.10 -14.60 20.68
N GLU B 115 -14.30 -13.81 19.97
CA GLU B 115 -12.89 -14.17 19.70
C GLU B 115 -11.88 -13.62 20.71
N ALA B 116 -12.20 -12.48 21.30
CA ALA B 116 -11.31 -11.82 22.30
C ALA B 116 -10.47 -12.76 23.16
N PRO B 117 -11.12 -13.71 23.86
CA PRO B 117 -10.39 -14.66 24.71
C PRO B 117 -9.18 -15.31 24.08
N LYS B 118 -9.30 -15.75 22.83
CA LYS B 118 -8.17 -16.40 22.15
C LYS B 118 -6.89 -15.57 22.21
N PHE B 119 -7.03 -14.26 22.28
CA PHE B 119 -5.88 -13.35 22.32
C PHE B 119 -5.35 -13.02 23.71
N LEU B 120 -5.74 -13.81 24.71
CA LEU B 120 -5.29 -13.57 26.10
C LEU B 120 -4.48 -14.73 26.66
N ALA B 121 -4.76 -15.92 26.14
CA ALA B 121 -4.08 -17.15 26.57
C ALA B 121 -2.58 -16.98 26.71
N PHE B 122 -1.95 -16.44 25.67
CA PHE B 122 -0.50 -16.22 25.67
C PHE B 122 -0.04 -15.34 26.83
N THR B 123 -0.72 -14.21 27.02
CA THR B 123 -0.36 -13.28 28.08
C THR B 123 -0.54 -13.86 29.48
N CYS B 124 -1.57 -14.66 29.67
CA CYS B 124 -1.75 -15.31 30.98
C CYS B 124 -0.52 -16.15 31.27
N GLY B 125 -0.10 -16.88 30.24
CA GLY B 125 1.07 -17.73 30.33
C GLY B 125 2.27 -16.86 30.65
N LEU B 126 2.30 -15.65 30.10
CA LEU B 126 3.43 -14.73 30.36
C LEU B 126 3.57 -14.44 31.85
N LEU B 127 2.45 -14.13 32.49
CA LEU B 127 2.44 -13.85 33.93
C LEU B 127 2.74 -15.09 34.76
N ARG B 128 2.16 -16.23 34.36
CA ARG B 128 2.40 -17.48 35.09
C ARG B 128 3.84 -17.94 35.00
N GLY B 129 4.42 -17.79 33.82
CA GLY B 129 5.82 -18.17 33.61
C GLY B 129 6.71 -17.26 34.42
N ALA B 130 6.33 -16.00 34.55
CA ALA B 130 7.13 -15.04 35.32
C ALA B 130 7.07 -15.34 36.82
N LEU B 131 5.90 -15.78 37.26
CA LEU B 131 5.73 -16.16 38.66
C LEU B 131 6.55 -17.39 38.98
N TYR B 132 6.51 -18.37 38.07
CA TYR B 132 7.28 -19.60 38.25
C TYR B 132 8.74 -19.32 38.55
N THR B 133 9.41 -18.70 37.59
CA THR B 133 10.82 -18.33 37.74
C THR B 133 11.14 -17.74 39.11
N LEU B 134 10.16 -17.06 39.70
CA LEU B 134 10.33 -16.42 41.01
C LEU B 134 9.76 -17.22 42.19
N GLY B 135 9.75 -18.54 42.03
CA GLY B 135 9.29 -19.44 43.06
C GLY B 135 7.83 -19.33 43.46
N ILE B 136 6.95 -19.15 42.49
CA ILE B 136 5.52 -19.05 42.78
C ILE B 136 4.63 -19.82 41.82
N GLU B 137 4.11 -20.95 42.27
CA GLU B 137 3.20 -21.72 41.42
C GLU B 137 1.81 -21.11 41.42
N SER B 138 1.18 -21.04 40.26
CA SER B 138 -0.14 -20.42 40.23
C SER B 138 -1.01 -20.75 39.04
N VAL B 139 -2.13 -20.07 38.98
CA VAL B 139 -3.10 -20.19 37.90
C VAL B 139 -3.59 -18.82 37.48
N VAL B 140 -3.25 -18.43 36.27
CA VAL B 140 -3.65 -17.13 35.76
C VAL B 140 -4.72 -17.22 34.69
N THR B 141 -5.86 -16.62 34.99
CA THR B 141 -6.96 -16.61 34.03
C THR B 141 -7.21 -15.21 33.50
N ALA B 142 -7.83 -15.14 32.33
CA ALA B 142 -8.14 -13.86 31.70
C ALA B 142 -9.62 -13.68 31.47
N SER B 143 -10.11 -12.46 31.62
CA SER B 143 -11.54 -12.21 31.43
C SER B 143 -11.86 -10.86 30.78
N VAL B 144 -12.65 -10.90 29.70
CA VAL B 144 -13.05 -9.69 28.99
C VAL B 144 -14.56 -9.56 28.90
N ALA B 145 -15.08 -8.47 29.45
CA ALA B 145 -16.51 -8.20 29.41
C ALA B 145 -16.84 -7.35 28.19
N ALA B 146 -15.95 -6.40 27.94
CA ALA B 146 -16.05 -5.47 26.79
C ALA B 146 -14.70 -4.93 26.40
N LEU B 147 -14.28 -5.20 25.17
CA LEU B 147 -12.98 -4.70 24.71
C LEU B 147 -12.86 -3.18 24.89
N PRO B 148 -11.66 -2.69 25.20
CA PRO B 148 -10.40 -3.42 25.37
C PRO B 148 -10.08 -3.67 26.85
N VAL B 149 -11.05 -3.41 27.73
CA VAL B 149 -10.86 -3.56 29.17
C VAL B 149 -10.92 -4.98 29.69
N CYS B 150 -9.76 -5.59 29.86
CA CYS B 150 -9.71 -6.96 30.37
C CYS B 150 -8.92 -7.11 31.66
N LYS B 151 -9.32 -8.08 32.48
CA LYS B 151 -8.65 -8.34 33.75
C LYS B 151 -8.05 -9.72 33.90
N PHE B 152 -6.79 -9.76 34.34
CA PHE B 152 -6.08 -11.03 34.55
C PHE B 152 -6.09 -11.47 36.00
N GLN B 153 -6.58 -12.68 36.26
CA GLN B 153 -6.64 -13.20 37.64
C GLN B 153 -5.52 -14.18 37.98
N VAL B 154 -4.79 -13.89 39.04
CA VAL B 154 -3.69 -14.75 39.51
C VAL B 154 -3.98 -15.44 40.83
N VAL B 155 -4.17 -16.75 40.80
CA VAL B 155 -4.45 -17.52 42.03
C VAL B 155 -3.26 -18.31 42.55
N ILE B 156 -2.73 -17.91 43.71
CA ILE B 156 -1.61 -18.65 44.32
C ILE B 156 -2.12 -19.68 45.33
N PRO B 157 -2.12 -20.98 44.96
CA PRO B 157 -2.61 -21.97 45.93
C PRO B 157 -1.79 -21.91 47.22
N LYS B 158 -2.40 -22.29 48.34
CA LYS B 158 -1.71 -22.26 49.65
C LYS B 158 -0.83 -23.49 49.93
N SER B 159 0.02 -23.41 50.85
N THR C 2 -16.40 22.61 3.60
CA THR C 2 -17.39 21.52 3.78
C THR C 2 -16.89 20.21 3.20
N VAL C 3 -17.13 19.12 3.93
CA VAL C 3 -16.76 17.77 3.48
C VAL C 3 -17.98 16.96 3.08
N HIS C 4 -18.15 16.75 1.77
CA HIS C 4 -19.31 15.98 1.28
C HIS C 4 -19.34 14.51 1.68
N ASN C 5 -18.45 13.71 1.09
CA ASN C 5 -18.41 12.28 1.40
C ASN C 5 -17.03 11.68 1.23
N LEU C 6 -16.86 10.42 1.62
CA LEU C 6 -15.55 9.75 1.54
C LEU C 6 -15.60 8.32 1.03
N TYR C 7 -14.68 7.96 0.16
CA TYR C 7 -14.60 6.58 -0.35
C TYR C 7 -13.23 5.97 -0.13
N LEU C 8 -13.21 4.71 0.25
CA LEU C 8 -11.95 3.95 0.39
C LEU C 8 -11.98 2.77 -0.56
N PHE C 9 -10.99 2.68 -1.44
CA PHE C 9 -10.95 1.57 -2.39
C PHE C 9 -9.72 0.69 -2.28
N ASP C 10 -9.94 -0.55 -2.68
CA ASP C 10 -8.93 -1.60 -2.68
C ASP C 10 -8.09 -1.56 -3.95
N ARG C 11 -7.11 -2.44 -4.08
CA ARG C 11 -6.33 -2.46 -5.31
C ARG C 11 -7.09 -3.16 -6.45
N ASN C 12 -8.28 -3.67 -6.11
CA ASN C 12 -9.14 -4.39 -7.06
C ASN C 12 -10.50 -3.74 -7.25
N GLY C 13 -10.64 -2.50 -6.83
CA GLY C 13 -11.92 -1.84 -6.98
C GLY C 13 -12.90 -2.10 -5.86
N VAL C 14 -12.60 -3.06 -4.97
CA VAL C 14 -13.52 -3.31 -3.84
C VAL C 14 -13.74 -2.07 -2.97
N CYS C 15 -14.99 -1.64 -2.80
CA CYS C 15 -15.26 -0.45 -1.96
C CYS C 15 -15.12 -0.76 -0.47
N LEU C 16 -13.89 -0.65 0.05
CA LEU C 16 -13.62 -0.93 1.47
C LEU C 16 -14.53 -0.18 2.43
N HIS C 17 -14.83 1.07 2.11
CA HIS C 17 -15.69 1.90 2.98
C HIS C 17 -16.30 3.13 2.30
N TYR C 18 -17.51 3.48 2.72
CA TYR C 18 -18.21 4.67 2.22
C TYR C 18 -18.90 5.46 3.32
N SER C 19 -18.54 6.73 3.44
CA SER C 19 -19.14 7.61 4.44
C SER C 19 -19.71 8.87 3.79
N GLU C 20 -20.83 9.37 4.31
CA GLU C 20 -21.46 10.56 3.71
C GLU C 20 -21.96 11.58 4.72
N TRP C 21 -21.55 12.84 4.54
CA TRP C 21 -21.95 13.94 5.46
C TRP C 21 -22.85 15.02 4.83
N HIS C 22 -22.32 15.74 3.84
CA HIS C 22 -23.08 16.81 3.17
C HIS C 22 -23.29 16.57 1.68
N ARG C 23 -24.28 15.73 1.34
CA ARG C 23 -24.55 15.45 -0.08
C ARG C 23 -25.96 15.81 -0.52
N LYS C 24 -26.10 17.00 -1.12
CA LYS C 24 -27.40 17.47 -1.58
C LYS C 24 -27.87 16.84 -2.88
N LYS C 25 -26.93 16.29 -3.65
CA LYS C 25 -27.28 15.61 -4.91
C LYS C 25 -26.90 14.14 -4.89
N GLN C 26 -27.89 13.26 -4.77
CA GLN C 26 -27.61 11.81 -4.74
C GLN C 26 -27.69 11.14 -6.11
N ALA C 27 -26.72 10.30 -6.45
CA ALA C 27 -26.77 9.60 -7.74
C ALA C 27 -28.14 8.97 -7.96
N GLY C 28 -28.61 8.90 -9.19
CA GLY C 28 -29.91 8.30 -9.41
C GLY C 28 -29.87 6.79 -9.43
N ILE C 29 -28.89 6.22 -8.73
CA ILE C 29 -28.69 4.75 -8.72
C ILE C 29 -28.33 4.13 -7.38
N PRO C 30 -28.40 2.79 -7.26
CA PRO C 30 -28.08 2.07 -6.03
C PRO C 30 -26.59 2.25 -5.69
N LYS C 31 -26.28 2.40 -4.42
CA LYS C 31 -24.88 2.59 -4.01
C LYS C 31 -23.93 1.50 -4.48
N GLU C 32 -24.43 0.26 -4.58
CA GLU C 32 -23.58 -0.85 -5.07
C GLU C 32 -23.06 -0.54 -6.46
N GLU C 33 -23.88 0.20 -7.20
CA GLU C 33 -23.54 0.62 -8.56
C GLU C 33 -22.69 1.88 -8.58
N GLU C 34 -22.99 2.82 -7.68
CA GLU C 34 -22.20 4.06 -7.59
C GLU C 34 -20.74 3.73 -7.36
N TYR C 35 -20.50 2.73 -6.51
CA TYR C 35 -19.13 2.30 -6.19
C TYR C 35 -18.41 1.81 -7.42
N LYS C 36 -19.09 1.00 -8.23
CA LYS C 36 -18.49 0.51 -9.47
C LYS C 36 -18.24 1.65 -10.44
N LEU C 37 -19.20 2.57 -10.52
CA LEU C 37 -19.07 3.74 -11.39
C LEU C 37 -17.92 4.62 -10.95
N MET C 38 -17.92 4.97 -9.67
CA MET C 38 -16.84 5.79 -9.09
C MET C 38 -15.47 5.18 -9.37
N TYR C 39 -15.33 3.90 -9.06
CA TYR C 39 -14.04 3.22 -9.30
C TYR C 39 -13.63 3.20 -10.77
N GLY C 40 -14.58 2.87 -11.63
CA GLY C 40 -14.31 2.82 -13.06
C GLY C 40 -13.79 4.16 -13.53
N MET C 41 -14.44 5.22 -13.07
CA MET C 41 -14.01 6.56 -13.45
C MET C 41 -12.61 6.81 -12.93
N LEU C 42 -12.41 6.51 -11.65
CA LEU C 42 -11.10 6.68 -11.01
C LEU C 42 -10.02 5.88 -11.72
N PHE C 43 -10.38 4.67 -12.11
CA PHE C 43 -9.41 3.85 -12.82
C PHE C 43 -9.07 4.42 -14.20
N SER C 44 -10.08 4.94 -14.89
CA SER C 44 -9.86 5.55 -16.21
C SER C 44 -8.95 6.77 -16.12
N ILE C 45 -9.15 7.54 -15.06
CA ILE C 45 -8.32 8.71 -14.82
C ILE C 45 -6.86 8.32 -14.65
N ARG C 46 -6.62 7.23 -13.92
CA ARG C 46 -5.24 6.76 -13.73
C ARG C 46 -4.58 6.41 -15.05
N SER C 47 -5.34 5.73 -15.90
CA SER C 47 -4.85 5.34 -17.24
C SER C 47 -4.66 6.55 -18.14
N PHE C 48 -5.69 7.40 -18.17
CA PHE C 48 -5.72 8.66 -18.95
C PHE C 48 -4.53 9.56 -18.65
N VAL C 49 -4.43 9.92 -17.39
CA VAL C 49 -3.34 10.77 -16.89
C VAL C 49 -1.95 10.23 -17.26
N SER C 50 -1.82 8.91 -17.23
CA SER C 50 -0.56 8.26 -17.57
C SER C 50 -0.12 8.45 -19.02
N LYS C 51 -1.08 8.43 -19.94
CA LYS C 51 -0.77 8.58 -21.38
C LYS C 51 -0.78 10.03 -21.86
N MET C 52 -1.58 10.86 -21.20
CA MET C 52 -1.71 12.28 -21.56
C MET C 52 -0.51 13.13 -21.15
N SER C 53 0.05 12.83 -19.99
CA SER C 53 1.21 13.55 -19.50
C SER C 53 2.40 13.53 -20.45
N PRO C 54 2.95 14.71 -20.80
CA PRO C 54 4.09 14.83 -21.70
C PRO C 54 5.40 14.45 -21.02
N LEU C 55 5.34 14.17 -19.72
CA LEU C 55 6.53 13.81 -18.93
C LEU C 55 6.29 12.63 -17.99
N ASP C 56 7.36 11.93 -17.58
CA ASP C 56 7.17 10.83 -16.64
C ASP C 56 6.70 11.38 -15.29
N MET C 57 5.76 10.69 -14.67
CA MET C 57 5.21 11.15 -13.40
C MET C 57 5.71 10.44 -12.16
N LYS C 58 5.47 11.08 -11.03
CA LYS C 58 5.84 10.53 -9.73
C LYS C 58 4.59 10.16 -8.93
N ASP C 59 3.75 11.16 -8.69
CA ASP C 59 2.51 10.95 -7.93
C ASP C 59 1.30 10.56 -8.77
N GLY C 60 1.22 11.10 -9.98
CA GLY C 60 0.08 10.80 -10.82
C GLY C 60 -1.11 11.69 -10.46
N PHE C 61 -2.32 11.17 -10.65
CA PHE C 61 -3.52 11.94 -10.35
C PHE C 61 -3.62 12.45 -8.90
N LEU C 62 -3.86 13.75 -8.75
CA LEU C 62 -3.95 14.40 -7.44
C LEU C 62 -5.36 14.86 -7.07
N SER C 63 -6.14 15.24 -8.07
CA SER C 63 -7.52 15.73 -7.84
C SER C 63 -8.12 16.45 -9.03
N PHE C 64 -9.44 16.60 -9.01
CA PHE C 64 -10.11 17.37 -10.04
C PHE C 64 -11.21 18.22 -9.45
N GLN C 65 -11.64 19.23 -10.18
CA GLN C 65 -12.71 20.09 -9.68
C GLN C 65 -13.69 20.52 -10.75
N THR C 66 -14.95 20.58 -10.36
CA THR C 66 -16.00 21.04 -11.26
C THR C 66 -16.48 22.41 -10.82
N SER C 67 -17.66 22.79 -11.28
CA SER C 67 -18.22 24.07 -10.91
C SER C 67 -18.65 24.17 -9.44
N ARG C 68 -19.01 23.03 -8.86
CA ARG C 68 -19.50 22.98 -7.46
C ARG C 68 -18.62 22.26 -6.43
N TYR C 69 -17.83 21.27 -6.83
CA TYR C 69 -17.00 20.55 -5.85
C TYR C 69 -15.60 20.12 -6.31
N LYS C 70 -14.81 19.65 -5.34
CA LYS C 70 -13.46 19.19 -5.62
C LYS C 70 -13.19 17.77 -5.13
N LEU C 71 -12.64 16.93 -6.01
CA LEU C 71 -12.34 15.54 -5.61
C LEU C 71 -10.87 15.33 -5.29
N HIS C 72 -10.59 14.86 -4.08
CA HIS C 72 -9.22 14.60 -3.62
C HIS C 72 -8.88 13.13 -3.69
N TYR C 73 -7.77 12.79 -4.32
CA TYR C 73 -7.40 11.39 -4.51
C TYR C 73 -6.00 11.01 -4.06
N TYR C 74 -5.92 10.03 -3.15
CA TYR C 74 -4.66 9.53 -2.61
C TYR C 74 -4.53 8.03 -2.78
N GLU C 75 -3.41 7.58 -3.34
CA GLU C 75 -3.19 6.16 -3.57
C GLU C 75 -1.87 5.66 -3.02
N THR C 76 -1.93 4.63 -2.18
CA THR C 76 -0.71 4.07 -1.58
C THR C 76 -0.07 3.03 -2.47
N PRO C 77 1.23 2.78 -2.30
CA PRO C 77 1.88 1.77 -3.15
C PRO C 77 1.21 0.39 -3.09
N THR C 78 0.37 0.16 -2.10
CA THR C 78 -0.33 -1.13 -2.01
C THR C 78 -1.70 -1.14 -2.67
N GLY C 79 -2.03 -0.07 -3.38
CA GLY C 79 -3.30 -0.01 -4.06
C GLY C 79 -4.46 0.60 -3.29
N ILE C 80 -4.27 0.96 -2.02
CA ILE C 80 -5.37 1.59 -1.24
C ILE C 80 -5.65 2.99 -1.71
N LYS C 81 -6.92 3.30 -1.94
CA LYS C 81 -7.29 4.62 -2.42
C LYS C 81 -8.23 5.38 -1.52
N VAL C 82 -7.78 6.56 -1.08
CA VAL C 82 -8.58 7.44 -0.23
C VAL C 82 -9.10 8.60 -1.06
N VAL C 83 -10.40 8.59 -1.34
CA VAL C 83 -11.03 9.63 -2.15
C VAL C 83 -11.99 10.51 -1.36
N MET C 84 -11.75 11.82 -1.38
CA MET C 84 -12.63 12.76 -0.65
C MET C 84 -13.12 13.96 -1.45
N ASN C 85 -14.42 14.25 -1.35
CA ASN C 85 -15.02 15.41 -2.03
C ASN C 85 -15.28 16.56 -1.08
N THR C 86 -14.91 17.77 -1.51
CA THR C 86 -15.12 18.98 -0.69
C THR C 86 -15.52 20.17 -1.55
N ASP C 87 -15.73 21.32 -0.90
CA ASP C 87 -16.05 22.53 -1.64
C ASP C 87 -14.77 23.01 -2.32
N LEU C 88 -14.89 23.85 -3.35
CA LEU C 88 -13.70 24.33 -4.05
C LEU C 88 -12.67 25.02 -3.18
N GLY C 89 -13.09 25.47 -1.99
CA GLY C 89 -12.19 26.16 -1.09
C GLY C 89 -11.02 25.38 -0.52
N VAL C 90 -11.27 24.13 -0.18
CA VAL C 90 -10.23 23.25 0.39
C VAL C 90 -9.00 23.03 -0.49
N GLY C 91 -7.83 23.40 0.03
CA GLY C 91 -6.57 23.22 -0.69
C GLY C 91 -6.14 21.75 -0.73
N PRO C 92 -4.87 21.45 -1.09
CA PRO C 92 -4.32 20.09 -1.18
C PRO C 92 -4.73 19.01 -0.15
N ILE C 93 -4.62 19.27 1.15
CA ILE C 93 -5.01 18.26 2.20
C ILE C 93 -4.50 16.81 2.02
N ARG C 94 -3.31 16.65 1.45
CA ARG C 94 -2.74 15.30 1.26
C ARG C 94 -2.40 14.63 2.58
N ASP C 95 -1.99 15.46 3.54
CA ASP C 95 -1.67 14.97 4.89
C ASP C 95 -2.90 14.31 5.53
N VAL C 96 -4.06 14.88 5.23
CA VAL C 96 -5.35 14.37 5.74
C VAL C 96 -5.70 13.01 5.15
N LEU C 97 -5.54 12.89 3.84
CA LEU C 97 -5.82 11.61 3.16
C LEU C 97 -4.89 10.50 3.65
N HIS C 98 -3.63 10.86 3.89
CA HIS C 98 -2.65 9.89 4.39
C HIS C 98 -2.95 9.49 5.81
N HIS C 99 -3.53 10.44 6.55
CA HIS C 99 -3.93 10.20 7.94
C HIS C 99 -5.05 9.18 8.00
N ILE C 100 -6.00 9.30 7.08
CA ILE C 100 -7.12 8.36 7.02
C ILE C 100 -6.61 6.94 6.78
N TYR C 101 -5.60 6.84 5.93
CA TYR C 101 -4.97 5.56 5.61
C TYR C 101 -4.10 5.02 6.74
N SER C 102 -3.26 5.89 7.28
CA SER C 102 -2.33 5.53 8.35
C SER C 102 -2.92 5.38 9.74
N ALA C 103 -3.52 6.45 10.22
CA ALA C 103 -4.10 6.51 11.57
C ALA C 103 -5.47 5.86 11.77
N LEU C 104 -6.18 5.56 10.69
CA LEU C 104 -7.52 4.96 10.83
C LEU C 104 -7.70 3.61 10.16
N TYR C 105 -7.29 3.48 8.90
CA TYR C 105 -7.39 2.20 8.16
C TYR C 105 -6.37 1.17 8.62
N VAL C 106 -5.10 1.56 8.61
CA VAL C 106 -4.05 0.64 9.08
C VAL C 106 -4.25 0.26 10.54
N GLU C 107 -4.43 1.28 11.36
CA GLU C 107 -4.61 1.11 12.80
C GLU C 107 -5.85 0.33 13.26
N PHE C 108 -6.99 0.53 12.60
CA PHE C 108 -8.22 -0.18 13.04
C PHE C 108 -8.78 -1.22 12.09
N VAL C 109 -8.06 -1.47 11.00
CA VAL C 109 -8.43 -2.50 10.03
C VAL C 109 -7.27 -3.47 9.81
N VAL C 110 -6.14 -2.95 9.35
CA VAL C 110 -4.96 -3.80 9.15
C VAL C 110 -4.49 -4.43 10.45
N LYS C 111 -4.46 -3.64 11.52
CA LYS C 111 -4.05 -4.15 12.84
C LYS C 111 -5.14 -4.96 13.57
N ASN C 112 -6.27 -5.17 12.90
CA ASN C 112 -7.38 -5.96 13.47
C ASN C 112 -7.53 -7.28 12.73
N PRO C 113 -6.83 -8.32 13.20
CA PRO C 113 -6.87 -9.64 12.56
C PRO C 113 -8.26 -10.15 12.23
N LEU C 114 -9.26 -9.71 13.00
CA LEU C 114 -10.65 -10.13 12.75
C LEU C 114 -11.30 -9.33 11.62
N CYS C 115 -10.50 -8.50 10.97
CA CYS C 115 -10.95 -7.67 9.85
C CYS C 115 -10.39 -8.15 8.52
N PRO C 116 -11.18 -8.92 7.77
CA PRO C 116 -10.74 -9.43 6.48
C PRO C 116 -10.38 -8.34 5.48
N LEU C 117 -9.28 -8.54 4.78
CA LEU C 117 -8.85 -7.60 3.75
C LEU C 117 -9.53 -7.90 2.40
N GLY C 118 -9.83 -6.87 1.62
CA GLY C 118 -10.49 -7.09 0.35
C GLY C 118 -12.00 -7.13 0.46
N GLN C 119 -12.54 -6.62 1.56
CA GLN C 119 -13.99 -6.57 1.77
C GLN C 119 -14.43 -5.34 2.56
N THR C 120 -15.70 -4.98 2.44
CA THR C 120 -16.24 -3.84 3.18
C THR C 120 -15.90 -3.93 4.66
N VAL C 121 -15.27 -2.92 5.21
CA VAL C 121 -14.92 -2.92 6.63
C VAL C 121 -16.14 -2.96 7.54
N GLN C 122 -16.14 -3.89 8.49
CA GLN C 122 -17.26 -4.03 9.45
C GLN C 122 -16.98 -3.43 10.83
N SER C 123 -15.71 -3.20 11.12
CA SER C 123 -15.33 -2.66 12.43
C SER C 123 -16.03 -1.37 12.84
N GLU C 124 -16.82 -1.45 13.91
CA GLU C 124 -17.52 -0.26 14.43
C GLU C 124 -16.53 0.80 14.91
N LEU C 125 -15.40 0.34 15.44
CA LEU C 125 -14.32 1.23 15.92
C LEU C 125 -13.80 2.07 14.76
N PHE C 126 -13.30 1.41 13.74
CA PHE C 126 -12.81 2.12 12.55
C PHE C 126 -13.82 3.18 12.11
N ARG C 127 -15.07 2.78 12.01
CA ARG C 127 -16.15 3.70 11.60
C ARG C 127 -16.35 4.86 12.55
N SER C 128 -16.27 4.59 13.85
CA SER C 128 -16.42 5.65 14.87
C SER C 128 -15.27 6.64 14.80
N ARG C 129 -14.06 6.11 14.85
CA ARG C 129 -12.83 6.91 14.79
C ARG C 129 -12.74 7.79 13.55
N LEU C 130 -13.12 7.21 12.42
CA LEU C 130 -13.12 7.92 11.14
C LEU C 130 -14.03 9.12 11.19
N ASP C 131 -15.31 8.84 11.45
CA ASP C 131 -16.33 9.88 11.56
C ASP C 131 -15.89 10.99 12.51
N SER C 132 -15.41 10.59 13.69
CA SER C 132 -14.92 11.56 14.65
C SER C 132 -13.76 12.38 14.08
N TYR C 133 -12.81 11.71 13.43
CA TYR C 133 -11.67 12.43 12.82
C TYR C 133 -12.10 13.44 11.75
N VAL C 134 -12.91 13.00 10.79
CA VAL C 134 -13.39 13.89 9.73
C VAL C 134 -14.18 15.07 10.28
N ARG C 135 -15.08 14.82 11.23
CA ARG C 135 -15.85 15.92 11.84
C ARG C 135 -14.96 16.93 12.53
N SER C 136 -13.68 16.56 12.72
CA SER C 136 -12.69 17.47 13.34
C SER C 136 -12.05 18.42 12.36
N LEU C 137 -11.79 17.92 11.14
CA LEU C 137 -11.18 18.74 10.10
C LEU C 137 -11.73 20.18 10.07
N PRO C 138 -10.84 21.17 10.04
CA PRO C 138 -11.26 22.57 10.02
C PRO C 138 -12.26 22.94 8.93
N PHE C 139 -12.17 22.27 7.79
CA PHE C 139 -13.07 22.52 6.64
C PHE C 139 -14.25 21.55 6.54
N PHE C 140 -14.62 20.94 7.66
CA PHE C 140 -15.73 19.98 7.67
C PHE C 140 -17.11 20.61 7.47
N SER C 141 -17.39 21.65 8.24
CA SER C 141 -18.70 22.34 8.18
C SER C 141 -18.97 23.16 6.92
N ALA C 142 -20.25 23.39 6.66
CA ALA C 142 -20.73 24.18 5.49
C ALA C 142 -21.03 25.66 5.79
N ARG C 143 -21.18 26.00 6.98
N ALA D 2 4.24 26.85 -19.34
CA ALA D 2 4.18 26.31 -20.72
C ALA D 2 2.89 25.57 -21.02
N ILE D 3 2.55 25.52 -22.30
CA ILE D 3 1.38 24.80 -22.72
C ILE D 3 1.77 23.52 -23.44
N PHE D 4 1.21 22.39 -23.03
CA PHE D 4 1.56 21.12 -23.65
C PHE D 4 0.74 20.75 -24.87
N SER D 5 -0.57 20.96 -24.80
CA SER D 5 -1.41 20.58 -25.93
C SER D 5 -2.84 21.09 -25.86
N VAL D 6 -3.52 20.99 -26.99
CA VAL D 6 -4.92 21.41 -27.09
C VAL D 6 -5.79 20.38 -27.76
N TYR D 7 -6.95 20.15 -27.16
CA TYR D 7 -7.94 19.18 -27.65
C TYR D 7 -9.34 19.79 -27.78
N VAL D 8 -9.93 19.68 -28.97
CA VAL D 8 -11.31 20.16 -29.20
C VAL D 8 -12.21 18.97 -29.48
N VAL D 9 -13.08 18.69 -28.51
CA VAL D 9 -13.95 17.54 -28.58
C VAL D 9 -15.42 17.79 -28.88
N ASN D 10 -15.99 16.90 -29.68
CA ASN D 10 -17.43 16.90 -30.06
C ASN D 10 -18.33 16.71 -28.87
N LYS D 11 -19.62 16.91 -29.08
CA LYS D 11 -20.59 16.66 -28.01
C LYS D 11 -20.74 15.14 -27.87
N ALA D 12 -20.25 14.44 -28.89
CA ALA D 12 -20.31 12.97 -28.94
C ALA D 12 -19.00 12.28 -28.52
N GLY D 13 -18.00 13.08 -28.15
CA GLY D 13 -16.73 12.53 -27.73
C GLY D 13 -15.74 12.38 -28.87
N GLY D 14 -16.08 12.91 -30.05
CA GLY D 14 -15.19 12.82 -31.17
C GLY D 14 -14.20 13.96 -31.22
N LEU D 15 -12.95 13.66 -31.60
CA LEU D 15 -11.90 14.70 -31.71
C LEU D 15 -11.97 15.44 -33.03
N ILE D 16 -12.19 16.74 -33.01
CA ILE D 16 -12.27 17.49 -34.27
C ILE D 16 -11.10 18.44 -34.48
N TYR D 17 -10.20 18.45 -33.51
CA TYR D 17 -8.98 19.27 -33.56
C TYR D 17 -8.04 18.98 -32.40
N GLN D 18 -6.76 18.87 -32.72
CA GLN D 18 -5.77 18.62 -31.67
C GLN D 18 -4.39 19.12 -32.03
N LEU D 19 -3.69 19.66 -31.04
CA LEU D 19 -2.36 20.19 -31.29
C LEU D 19 -1.38 20.09 -30.12
N ASP D 20 -0.18 19.61 -30.41
CA ASP D 20 0.88 19.49 -29.41
C ASP D 20 1.86 20.66 -29.50
N SER D 21 2.36 21.13 -28.35
CA SER D 21 3.33 22.24 -28.31
C SER D 21 4.69 21.78 -27.81
N TYR D 22 5.18 20.66 -28.32
CA TYR D 22 6.48 20.08 -27.91
C TYR D 22 6.82 18.80 -28.67
N GLU D 27 15.48 11.58 -24.14
CA GLU D 27 15.85 10.39 -24.94
C GLU D 27 17.20 9.80 -24.55
N ALA D 28 17.16 8.75 -23.72
CA ALA D 28 18.39 8.09 -23.23
C ALA D 28 18.91 6.94 -24.09
N GLU D 29 20.24 6.90 -24.27
CA GLU D 29 20.90 5.84 -25.05
C GLU D 29 22.06 5.19 -24.29
N LYS D 30 21.94 3.89 -24.07
CA LYS D 30 22.96 3.13 -23.33
C LYS D 30 23.37 1.79 -23.97
N THR D 31 24.60 1.36 -23.71
CA THR D 31 25.10 0.08 -24.26
C THR D 31 24.88 -1.07 -23.28
N PHE D 32 24.28 -2.15 -23.75
CA PHE D 32 24.00 -3.30 -22.88
C PHE D 32 24.69 -4.60 -23.25
N SER D 33 25.02 -5.37 -22.23
CA SER D 33 25.63 -6.70 -22.40
C SER D 33 24.54 -7.75 -22.18
N TYR D 34 24.86 -9.01 -22.38
CA TYR D 34 23.84 -10.03 -22.13
C TYR D 34 24.00 -10.67 -20.76
N PRO D 35 22.89 -10.80 -20.00
CA PRO D 35 21.54 -10.37 -20.39
C PRO D 35 21.31 -8.93 -19.99
N LEU D 36 20.18 -8.37 -20.41
CA LEU D 36 19.81 -6.97 -20.10
C LEU D 36 19.54 -6.71 -18.63
N ASP D 37 19.73 -5.45 -18.20
CA ASP D 37 19.45 -5.03 -16.81
C ASP D 37 17.99 -4.61 -16.66
N LEU D 38 17.29 -4.59 -17.79
CA LEU D 38 15.89 -4.19 -17.81
C LEU D 38 14.92 -5.23 -18.32
N LEU D 39 13.72 -5.20 -17.79
CA LEU D 39 12.67 -6.12 -18.23
C LEU D 39 11.79 -5.45 -19.28
N LEU D 40 11.79 -5.99 -20.48
CA LEU D 40 10.99 -5.41 -21.55
C LEU D 40 9.77 -6.25 -21.90
N LYS D 41 8.69 -5.59 -22.27
CA LYS D 41 7.45 -6.26 -22.67
C LYS D 41 6.79 -5.59 -23.87
N LEU D 42 6.10 -6.37 -24.70
CA LEU D 42 5.40 -5.79 -25.85
C LEU D 42 4.04 -5.25 -25.43
N HIS D 43 3.76 -4.00 -25.73
CA HIS D 43 2.48 -3.40 -25.35
C HIS D 43 1.94 -2.48 -26.43
N ASP D 44 0.87 -2.90 -27.10
CA ASP D 44 0.26 -2.10 -28.18
C ASP D 44 1.25 -1.79 -29.29
N GLU D 45 1.80 -2.84 -29.90
CA GLU D 45 2.78 -2.70 -31.00
C GLU D 45 4.00 -1.85 -30.65
N ARG D 46 4.34 -1.83 -29.36
CA ARG D 46 5.49 -1.10 -28.84
C ARG D 46 6.24 -1.89 -27.75
N VAL D 47 7.56 -1.76 -27.72
CA VAL D 47 8.36 -2.44 -26.69
C VAL D 47 8.68 -1.47 -25.55
N LEU D 48 8.10 -1.73 -24.37
CA LEU D 48 8.35 -0.85 -23.22
C LEU D 48 9.11 -1.48 -22.09
N VAL D 49 9.65 -0.64 -21.23
CA VAL D 49 10.36 -1.10 -20.05
C VAL D 49 9.37 -1.46 -18.96
N ALA D 50 9.26 -2.74 -18.63
CA ALA D 50 8.33 -3.17 -17.58
C ALA D 50 8.88 -2.97 -16.17
N PHE D 51 10.18 -3.19 -16.02
CA PHE D 51 10.87 -3.04 -14.73
C PHE D 51 12.34 -2.65 -14.88
N GLY D 52 12.90 -1.98 -13.89
CA GLY D 52 14.29 -1.56 -13.97
C GLY D 52 14.39 -0.10 -14.37
N GLN D 53 15.23 0.66 -13.70
CA GLN D 53 15.38 2.08 -14.04
C GLN D 53 16.77 2.61 -13.79
N ARG D 54 17.53 2.77 -14.85
CA ARG D 54 18.88 3.29 -14.71
C ARG D 54 19.29 4.27 -15.80
N ASP D 55 20.20 5.16 -15.45
CA ASP D 55 20.77 6.15 -16.38
C ASP D 55 19.79 6.89 -17.30
N GLY D 56 18.65 7.31 -16.78
CA GLY D 56 17.71 8.04 -17.61
C GLY D 56 16.49 7.25 -18.02
N ILE D 57 16.66 5.95 -18.20
CA ILE D 57 15.55 5.05 -18.57
C ILE D 57 14.53 4.89 -17.45
N ARG D 58 13.26 4.90 -17.81
CA ARG D 58 12.18 4.73 -16.83
C ARG D 58 11.18 3.68 -17.25
N VAL D 59 10.41 3.17 -16.30
CA VAL D 59 9.44 2.12 -16.62
C VAL D 59 8.65 2.27 -17.93
N GLY D 60 7.74 3.22 -18.02
CA GLY D 60 6.98 3.35 -19.25
C GLY D 60 7.70 3.65 -20.56
N HIS D 61 9.03 3.72 -20.57
CA HIS D 61 9.78 4.03 -21.81
C HIS D 61 9.78 2.94 -22.87
N ALA D 62 9.68 3.37 -24.13
CA ALA D 62 9.69 2.45 -25.26
C ALA D 62 11.01 2.42 -25.99
N VAL D 63 11.31 1.29 -26.61
CA VAL D 63 12.54 1.20 -27.39
C VAL D 63 12.35 2.03 -28.66
N LEU D 64 13.24 3.00 -28.90
CA LEU D 64 13.12 3.85 -30.09
C LEU D 64 14.12 3.50 -31.18
N ALA D 65 15.23 2.95 -30.75
CA ALA D 65 16.28 2.57 -31.68
C ALA D 65 17.28 1.60 -31.09
N ILE D 66 17.81 0.74 -31.95
CA ILE D 66 18.82 -0.26 -31.58
C ILE D 66 20.08 -0.10 -32.40
N ASN D 67 21.21 0.11 -31.73
CA ASN D 67 22.49 0.32 -32.42
C ASN D 67 22.47 1.55 -33.33
N GLY D 68 21.66 2.53 -32.97
CA GLY D 68 21.56 3.73 -33.77
C GLY D 68 20.48 3.63 -34.83
N MET D 69 19.92 2.45 -35.02
CA MET D 69 18.84 2.25 -36.00
C MET D 69 17.44 2.45 -35.43
N ASP D 70 16.72 3.46 -35.89
CA ASP D 70 15.35 3.69 -35.39
C ASP D 70 14.42 2.49 -35.59
N VAL D 71 13.86 2.01 -34.50
CA VAL D 71 12.95 0.86 -34.55
C VAL D 71 11.60 1.17 -35.20
N ASN D 72 10.96 0.13 -35.74
CA ASN D 72 9.64 0.24 -36.39
C ASN D 72 8.55 -0.45 -35.58
N GLY D 73 8.01 0.25 -34.58
CA GLY D 73 6.99 -0.34 -33.73
C GLY D 73 7.63 -1.48 -32.97
N ARG D 74 7.05 -2.67 -33.07
CA ARG D 74 7.62 -3.84 -32.36
C ARG D 74 8.69 -4.59 -33.17
N TYR D 75 9.02 -4.05 -34.34
CA TYR D 75 10.03 -4.66 -35.19
C TYR D 75 11.27 -3.80 -35.34
N THR D 76 12.33 -4.42 -35.82
CA THR D 76 13.61 -3.73 -36.05
C THR D 76 13.65 -3.05 -37.41
N ALA D 77 14.50 -2.04 -37.57
CA ALA D 77 14.63 -1.37 -38.88
C ALA D 77 14.99 -2.38 -39.95
N ASP D 78 15.51 -3.50 -39.47
CA ASP D 78 15.95 -4.64 -40.29
C ASP D 78 14.86 -5.68 -40.56
N GLY D 79 13.69 -5.49 -39.94
CA GLY D 79 12.59 -6.41 -40.16
C GLY D 79 12.39 -7.46 -39.09
N LYS D 80 13.42 -7.68 -38.26
CA LYS D 80 13.32 -8.69 -37.18
C LYS D 80 12.60 -8.19 -35.93
N GLU D 81 11.95 -9.09 -35.21
CA GLU D 81 11.25 -8.69 -33.98
C GLU D 81 12.16 -8.27 -32.84
N VAL D 82 12.04 -7.01 -32.43
CA VAL D 82 12.87 -6.46 -31.33
C VAL D 82 13.15 -7.40 -30.18
N LEU D 83 12.11 -7.92 -29.55
CA LEU D 83 12.30 -8.83 -28.41
C LEU D 83 13.02 -10.11 -28.78
N GLU D 84 12.88 -10.54 -30.03
CA GLU D 84 13.59 -11.73 -30.49
C GLU D 84 15.06 -11.41 -30.68
N TYR D 85 15.33 -10.24 -31.24
CA TYR D 85 16.71 -9.78 -31.45
C TYR D 85 17.42 -9.63 -30.10
N LEU D 86 16.70 -9.06 -29.13
CA LEU D 86 17.24 -8.87 -27.79
C LEU D 86 17.35 -10.17 -26.98
N GLY D 87 16.74 -11.22 -27.49
CA GLY D 87 16.80 -12.50 -26.81
C GLY D 87 17.99 -13.34 -27.26
N ASN D 88 18.69 -12.88 -28.27
CA ASN D 88 19.86 -13.61 -28.80
C ASN D 88 21.18 -13.02 -28.30
N PRO D 89 21.86 -13.74 -27.40
CA PRO D 89 23.14 -13.26 -26.85
C PRO D 89 24.25 -12.94 -27.86
N ALA D 90 24.17 -13.51 -29.05
CA ALA D 90 25.21 -13.23 -30.06
C ALA D 90 25.07 -11.82 -30.63
N ASN D 91 23.94 -11.18 -30.37
CA ASN D 91 23.71 -9.79 -30.84
C ASN D 91 24.23 -8.72 -29.88
N TYR D 92 24.87 -9.14 -28.79
CA TYR D 92 25.43 -8.19 -27.81
C TYR D 92 26.94 -8.03 -27.94
N PRO D 93 27.48 -6.88 -27.51
CA PRO D 93 26.77 -5.75 -26.90
C PRO D 93 25.85 -5.08 -27.90
N VAL D 94 24.83 -4.44 -27.37
CA VAL D 94 23.84 -3.75 -28.18
C VAL D 94 23.50 -2.37 -27.62
N SER D 95 23.38 -1.39 -28.50
CA SER D 95 23.03 -0.02 -28.10
C SER D 95 21.53 0.22 -28.21
N ILE D 96 20.89 0.65 -27.13
CA ILE D 96 19.43 0.88 -27.19
C ILE D 96 19.00 2.27 -26.74
N ARG D 97 18.07 2.88 -27.47
CA ARG D 97 17.57 4.22 -27.11
C ARG D 97 16.11 4.21 -26.64
N PHE D 98 15.86 4.75 -25.45
CA PHE D 98 14.50 4.80 -24.87
C PHE D 98 13.95 6.20 -24.65
N GLY D 99 12.64 6.33 -24.72
CA GLY D 99 12.01 7.62 -24.50
C GLY D 99 10.51 7.50 -24.37
N ARG D 100 9.86 8.47 -23.75
CA ARG D 100 8.40 8.43 -23.62
C ARG D 100 7.76 8.25 -24.97
N PRO D 101 7.02 7.17 -25.17
CA PRO D 101 6.41 7.00 -26.48
C PRO D 101 5.55 8.20 -26.91
N ARG D 102 5.32 8.29 -28.21
CA ARG D 102 4.49 9.36 -28.78
C ARG D 102 3.07 8.88 -29.06
N LEU D 103 2.08 9.64 -28.58
CA LEU D 103 0.68 9.27 -28.80
C LEU D 103 0.28 9.14 -30.26
N THR D 104 -0.37 8.04 -30.61
CA THR D 104 -0.83 7.84 -31.99
C THR D 104 -2.11 8.61 -32.25
N SER D 105 -2.43 8.87 -33.51
CA SER D 105 -3.69 9.57 -33.79
C SER D 105 -4.85 8.87 -33.13
N ASN D 106 -4.92 7.55 -33.29
CA ASN D 106 -5.99 6.77 -32.67
C ASN D 106 -5.97 6.90 -31.16
N GLU D 107 -4.79 6.79 -30.57
CA GLU D 107 -4.69 6.94 -29.10
C GLU D 107 -5.29 8.27 -28.67
N LYS D 108 -5.02 9.31 -29.46
CA LYS D 108 -5.59 10.63 -29.18
C LYS D 108 -7.11 10.60 -29.24
N LEU D 109 -7.65 9.88 -30.23
CA LEU D 109 -9.12 9.74 -30.37
C LEU D 109 -9.70 9.06 -29.14
N MET D 110 -9.04 7.98 -28.71
CA MET D 110 -9.49 7.24 -27.53
C MET D 110 -9.51 8.11 -26.28
N LEU D 111 -8.36 8.72 -25.99
CA LEU D 111 -8.23 9.59 -24.83
C LEU D 111 -9.29 10.69 -24.80
N ALA D 112 -9.60 11.24 -25.98
CA ALA D 112 -10.63 12.27 -26.09
C ALA D 112 -12.00 11.72 -25.75
N SER D 113 -12.26 10.48 -26.17
CA SER D 113 -13.54 9.83 -25.87
C SER D 113 -13.60 9.45 -24.41
N MET D 114 -12.46 8.97 -23.91
CA MET D 114 -12.34 8.59 -22.49
C MET D 114 -12.64 9.78 -21.60
N PHE D 115 -12.11 10.94 -21.99
CA PHE D 115 -12.35 12.17 -21.23
C PHE D 115 -13.81 12.58 -21.27
N HIS D 116 -14.44 12.31 -22.40
CA HIS D 116 -15.86 12.62 -22.60
C HIS D 116 -16.73 12.00 -21.52
N SER D 117 -16.60 10.69 -21.31
CA SER D 117 -17.37 9.98 -20.26
C SER D 117 -16.91 10.36 -18.86
N LEU D 118 -15.60 10.54 -18.70
CA LEU D 118 -15.03 10.97 -17.42
C LEU D 118 -15.68 12.26 -16.96
N PHE D 119 -15.78 13.19 -17.91
CA PHE D 119 -16.41 14.50 -17.68
C PHE D 119 -17.84 14.36 -17.16
N ALA D 120 -18.63 13.56 -17.88
CA ALA D 120 -20.03 13.31 -17.49
C ALA D 120 -20.14 12.69 -16.11
N ILE D 121 -19.40 11.60 -15.87
CA ILE D 121 -19.45 10.94 -14.56
C ILE D 121 -19.16 11.91 -13.42
N GLY D 122 -18.10 12.70 -13.58
CA GLY D 122 -17.73 13.67 -12.57
C GLY D 122 -18.92 14.57 -12.24
N SER D 123 -19.78 14.76 -13.22
CA SER D 123 -20.97 15.58 -13.04
C SER D 123 -22.08 14.78 -12.36
N GLN D 124 -22.26 13.56 -12.84
CA GLN D 124 -23.28 12.63 -12.30
C GLN D 124 -23.01 12.26 -10.84
N LEU D 125 -21.74 11.96 -10.53
CA LEU D 125 -21.34 11.60 -9.18
C LEU D 125 -21.12 12.77 -8.25
N SER D 126 -21.45 13.97 -8.72
CA SER D 126 -21.31 15.18 -7.91
C SER D 126 -22.24 15.22 -6.68
N PRO D 127 -21.68 15.55 -5.50
CA PRO D 127 -22.49 15.62 -4.28
C PRO D 127 -23.29 16.91 -4.20
N GLU D 128 -22.95 17.87 -5.05
CA GLU D 128 -23.66 19.18 -5.10
C GLU D 128 -24.43 19.37 -6.39
N GLN D 129 -25.61 19.98 -6.30
CA GLN D 129 -26.46 20.21 -7.49
C GLN D 129 -25.97 21.28 -8.44
N GLY D 130 -26.50 21.28 -9.65
CA GLY D 130 -26.10 22.28 -10.62
C GLY D 130 -24.60 22.28 -10.79
N SER D 131 -24.03 21.10 -10.94
CA SER D 131 -22.58 20.97 -11.11
C SER D 131 -22.17 20.65 -12.54
N SER D 132 -21.10 21.28 -13.00
CA SER D 132 -20.59 21.01 -14.35
C SER D 132 -19.74 19.75 -14.37
N GLY D 133 -19.20 19.39 -15.53
CA GLY D 133 -18.33 18.24 -15.57
C GLY D 133 -16.99 18.73 -15.07
N ILE D 134 -15.94 17.94 -15.29
CA ILE D 134 -14.60 18.33 -14.84
C ILE D 134 -14.08 19.58 -15.53
N GLU D 135 -13.70 20.59 -14.75
CA GLU D 135 -13.16 21.83 -15.33
C GLU D 135 -11.66 21.90 -15.21
N MET D 136 -11.15 21.19 -14.21
CA MET D 136 -9.73 21.15 -13.96
C MET D 136 -9.31 19.83 -13.34
N LEU D 137 -8.39 19.16 -14.00
CA LEU D 137 -7.84 17.91 -13.50
C LEU D 137 -6.37 18.10 -13.27
N GLU D 138 -5.91 17.80 -12.06
CA GLU D 138 -4.50 18.01 -11.72
C GLU D 138 -3.68 16.78 -11.44
N THR D 139 -2.41 16.92 -11.84
CA THR D 139 -1.35 15.93 -11.74
C THR D 139 -0.06 16.60 -11.26
N ASP D 140 0.99 15.83 -10.98
CA ASP D 140 2.26 16.45 -10.56
C ASP D 140 3.06 17.04 -11.71
N THR D 141 2.76 16.61 -12.93
CA THR D 141 3.45 17.09 -14.15
C THR D 141 2.58 17.94 -15.06
N PHE D 142 1.28 17.91 -14.84
CA PHE D 142 0.41 18.70 -15.70
C PHE D 142 -0.97 18.96 -15.15
N LYS D 143 -1.58 19.99 -15.70
CA LYS D 143 -2.91 20.36 -15.31
C LYS D 143 -3.79 20.43 -16.56
N LEU D 144 -4.98 19.85 -16.48
CA LEU D 144 -5.91 19.85 -17.62
C LEU D 144 -7.08 20.80 -17.39
N HIS D 145 -7.23 21.78 -18.26
CA HIS D 145 -8.31 22.75 -18.14
C HIS D 145 -9.36 22.54 -19.21
N CYS D 146 -10.62 22.50 -18.81
CA CYS D 146 -11.73 22.26 -19.75
C CYS D 146 -12.86 23.27 -19.68
N TYR D 147 -13.30 23.69 -20.85
CA TYR D 147 -14.42 24.63 -20.98
C TYR D 147 -15.50 24.05 -21.89
N GLN D 148 -16.71 23.91 -21.37
CA GLN D 148 -17.79 23.36 -22.20
C GLN D 148 -18.77 24.41 -22.71
N THR D 149 -18.94 24.44 -24.02
CA THR D 149 -19.87 25.35 -24.68
C THR D 149 -21.32 24.97 -24.39
N LEU D 150 -22.25 25.91 -24.56
CA LEU D 150 -23.68 25.60 -24.36
C LEU D 150 -24.12 24.47 -25.28
N THR D 151 -23.52 24.40 -26.47
CA THR D 151 -23.83 23.33 -27.42
C THR D 151 -23.08 22.01 -27.16
N GLY D 152 -22.33 21.96 -26.06
CA GLY D 152 -21.60 20.75 -25.71
C GLY D 152 -20.22 20.53 -26.28
N ILE D 153 -19.63 21.57 -26.87
CA ILE D 153 -18.28 21.44 -27.40
C ILE D 153 -17.24 21.67 -26.30
N LYS D 154 -16.21 20.84 -26.25
CA LYS D 154 -15.17 20.98 -25.20
C LYS D 154 -13.81 21.41 -25.68
N PHE D 155 -13.30 22.46 -25.07
CA PHE D 155 -11.96 22.96 -25.38
C PHE D 155 -11.06 22.53 -24.25
N VAL D 156 -10.21 21.56 -24.51
CA VAL D 156 -9.30 21.04 -23.48
C VAL D 156 -7.86 21.48 -23.67
N VAL D 157 -7.30 22.07 -22.62
CA VAL D 157 -5.91 22.54 -22.66
C VAL D 157 -5.05 21.92 -21.58
N LEU D 158 -3.95 21.28 -21.98
CA LEU D 158 -3.05 20.71 -20.99
C LEU D 158 -1.83 21.58 -20.78
N ALA D 159 -1.46 21.84 -19.55
CA ALA D 159 -0.30 22.70 -19.32
C ALA D 159 0.45 22.44 -18.03
N ASP D 160 1.57 23.13 -17.86
CA ASP D 160 2.34 23.01 -16.62
C ASP D 160 1.46 23.39 -15.44
N PRO D 161 1.54 22.64 -14.33
CA PRO D 161 0.71 22.94 -13.17
C PRO D 161 0.77 24.40 -12.74
N ARG D 162 1.91 25.06 -12.98
CA ARG D 162 2.09 26.47 -12.62
C ARG D 162 1.57 27.46 -13.66
N GLN D 163 1.40 27.01 -14.89
CA GLN D 163 0.93 27.91 -15.95
C GLN D 163 -0.36 28.64 -15.61
N ALA D 164 -0.36 29.96 -15.81
CA ALA D 164 -1.54 30.77 -15.53
C ALA D 164 -2.14 31.41 -16.77
N GLY D 165 -3.14 32.24 -16.57
CA GLY D 165 -3.77 32.91 -17.70
C GLY D 165 -4.38 31.88 -18.65
N ILE D 166 -4.87 30.79 -18.07
CA ILE D 166 -5.50 29.73 -18.86
C ILE D 166 -6.96 30.04 -19.16
N ASP D 167 -7.58 30.80 -18.27
CA ASP D 167 -9.00 31.19 -18.47
C ASP D 167 -9.16 31.98 -19.74
N SER D 168 -8.23 32.90 -19.97
CA SER D 168 -8.24 33.73 -21.18
C SER D 168 -7.98 32.90 -22.43
N LEU D 169 -7.10 31.91 -22.30
CA LEU D 169 -6.80 31.02 -23.43
C LEU D 169 -8.07 30.30 -23.86
N LEU D 170 -8.75 29.67 -22.90
CA LEU D 170 -9.99 28.96 -23.16
C LEU D 170 -11.04 29.87 -23.78
N ARG D 171 -11.17 31.04 -23.18
CA ARG D 171 -12.11 32.06 -23.65
C ARG D 171 -11.74 32.54 -25.05
N LYS D 172 -10.44 32.58 -25.32
CA LYS D 172 -9.96 32.98 -26.64
C LYS D 172 -10.23 31.92 -27.68
N ILE D 173 -10.00 30.66 -27.31
CA ILE D 173 -10.27 29.57 -28.24
C ILE D 173 -11.75 29.52 -28.59
N TYR D 174 -12.58 29.81 -27.59
CA TYR D 174 -14.02 29.86 -27.80
C TYR D 174 -14.37 30.90 -28.88
N GLU D 175 -13.76 32.08 -28.80
CA GLU D 175 -13.98 33.14 -29.82
C GLU D 175 -13.58 32.64 -31.20
N ILE D 176 -12.35 32.16 -31.28
CA ILE D 176 -11.81 31.61 -32.54
C ILE D 176 -12.75 30.55 -33.10
N TYR D 177 -13.18 29.63 -32.23
CA TYR D 177 -14.11 28.58 -32.66
C TYR D 177 -15.41 29.19 -33.17
N SER D 178 -15.88 30.19 -32.44
CA SER D 178 -17.10 30.90 -32.80
C SER D 178 -17.05 31.45 -34.22
N ASP D 179 -15.91 32.02 -34.58
CA ASP D 179 -15.73 32.55 -35.93
C ASP D 179 -15.87 31.45 -36.98
N PHE D 180 -15.39 30.25 -36.63
CA PHE D 180 -15.49 29.08 -37.53
C PHE D 180 -16.91 28.54 -37.61
N ALA D 181 -17.65 28.68 -36.52
CA ALA D 181 -19.05 28.22 -36.47
C ALA D 181 -19.98 29.18 -37.19
N LEU D 182 -19.76 30.47 -36.95
CA LEU D 182 -20.59 31.53 -37.57
C LEU D 182 -20.24 31.77 -39.05
N LYS D 183 -19.22 31.05 -39.50
CA LYS D 183 -18.75 31.13 -40.90
C LYS D 183 -19.10 29.84 -41.64
N ASN D 184 -19.25 28.78 -40.86
CA ASN D 184 -19.62 27.45 -41.34
C ASN D 184 -20.83 26.93 -40.54
N PRO D 185 -21.98 27.58 -40.70
CA PRO D 185 -23.22 27.22 -40.01
C PRO D 185 -23.74 25.79 -40.17
N PHE D 186 -23.58 25.21 -41.35
CA PHE D 186 -24.07 23.84 -41.58
C PHE D 186 -22.96 22.80 -41.69
N TYR D 187 -21.78 23.13 -41.19
CA TYR D 187 -20.64 22.20 -41.21
C TYR D 187 -20.89 20.96 -40.36
N SER D 188 -20.44 19.79 -40.81
CA SER D 188 -20.64 18.55 -40.05
C SER D 188 -20.01 18.55 -38.66
N LEU D 189 -20.80 18.21 -37.64
CA LEU D 189 -20.29 18.21 -36.25
C LEU D 189 -19.24 17.14 -35.95
N GLU D 190 -19.34 16.00 -36.61
CA GLU D 190 -18.36 14.92 -36.37
C GLU D 190 -17.11 15.04 -37.23
N MET D 191 -17.10 16.05 -38.08
CA MET D 191 -15.95 16.30 -38.98
C MET D 191 -14.88 17.20 -38.35
N PRO D 192 -13.61 16.93 -38.65
CA PRO D 192 -12.50 17.71 -38.11
C PRO D 192 -12.44 19.16 -38.59
N ILE D 193 -12.03 20.05 -37.70
CA ILE D 193 -11.88 21.48 -38.07
C ILE D 193 -10.60 21.69 -38.85
N ARG D 194 -10.72 21.77 -40.17
CA ARG D 194 -9.53 21.96 -40.99
C ARG D 194 -9.23 23.39 -41.42
N CYS D 195 -10.14 24.31 -41.12
CA CYS D 195 -9.93 25.74 -41.49
C CYS D 195 -8.59 26.30 -41.04
N GLU D 196 -7.78 26.76 -41.99
CA GLU D 196 -6.46 27.33 -41.67
C GLU D 196 -6.48 28.58 -40.78
N LEU D 197 -7.54 29.37 -40.84
CA LEU D 197 -7.64 30.57 -39.97
C LEU D 197 -7.74 30.16 -38.50
N PHE D 198 -8.52 29.11 -38.26
CA PHE D 198 -8.69 28.60 -36.90
C PHE D 198 -7.34 28.14 -36.34
N ASP D 199 -6.67 27.29 -37.11
CA ASP D 199 -5.35 26.76 -36.73
C ASP D 199 -4.37 27.89 -36.43
N GLN D 200 -4.30 28.83 -37.36
CA GLN D 200 -3.43 30.01 -37.27
C GLN D 200 -3.76 30.91 -36.08
N ASN D 201 -5.04 31.18 -35.88
CA ASN D 201 -5.43 32.01 -34.73
C ASN D 201 -5.19 31.31 -33.41
N LEU D 202 -5.50 30.02 -33.39
CA LEU D 202 -5.25 29.26 -32.17
C LEU D 202 -3.77 29.31 -31.82
N LYS D 203 -2.93 29.13 -32.85
CA LYS D 203 -1.46 29.17 -32.69
C LYS D 203 -1.03 30.42 -31.94
N LEU D 204 -1.51 31.57 -32.44
CA LEU D 204 -1.20 32.89 -31.84
C LEU D 204 -1.69 33.03 -30.42
N ALA D 205 -2.89 32.51 -30.13
CA ALA D 205 -3.42 32.60 -28.76
C ALA D 205 -2.48 31.86 -27.80
N LEU D 206 -1.91 30.78 -28.31
CA LEU D 206 -0.94 29.97 -27.57
C LEU D 206 0.33 30.73 -27.30
N GLU D 207 0.78 31.49 -28.28
CA GLU D 207 1.98 32.32 -28.09
C GLU D 207 1.73 33.32 -26.99
N VAL D 208 0.58 33.98 -27.07
CA VAL D 208 0.20 34.96 -26.04
C VAL D 208 0.19 34.29 -24.67
N ALA D 209 -0.58 33.23 -24.54
CA ALA D 209 -0.68 32.50 -23.26
C ALA D 209 0.68 32.05 -22.73
N GLU D 210 1.58 31.69 -23.64
CA GLU D 210 2.93 31.26 -23.27
C GLU D 210 3.68 32.37 -22.51
N LYS D 211 3.14 33.59 -22.57
CA LYS D 211 3.76 34.75 -21.89
C LYS D 211 3.03 35.27 -20.66
N ALA D 212 1.94 34.59 -20.29
CA ALA D 212 1.14 34.98 -19.10
C ALA D 212 1.84 34.66 -17.79
N GLY D 213 3.07 34.16 -17.90
CA GLY D 213 3.86 33.83 -16.74
C GLY D 213 3.56 32.48 -16.13
N THR D 214 4.45 32.02 -15.25
CA THR D 214 4.26 30.72 -14.60
C THR D 214 3.93 30.79 -13.13
N PHE D 215 3.06 31.71 -12.74
CA PHE D 215 2.65 31.84 -11.33
C PHE D 215 1.32 31.13 -11.03
N GLY D 216 0.27 31.67 -11.43
#